data_9HDP
#
_entry.id   9HDP
#
_cell.length_a   1.00
_cell.length_b   1.00
_cell.length_c   1.00
_cell.angle_alpha   90.00
_cell.angle_beta   90.00
_cell.angle_gamma   90.00
#
_symmetry.space_group_name_H-M   'P 1'
#
loop_
_entity.id
_entity.type
_entity.pdbx_description
1 polymer 'LINE-1 retrotransposable element ORF2 protein'
2 polymer 'Target DNA strand 1'
3 polymer 'Target DNA strand 2'
4 polymer 'Template P(A)30 RNA'
5 polymer 'Target DNA strand 3'
6 polymer 'Target DNA strand 4'
7 polymer 'Unassigned Nucleic Acid'
8 non-polymer 'MAGNESIUM ION'
9 non-polymer 'ZINC ION'
10 non-polymer "2',3'-DIDEOXY-THYMIDINE-5'-TRIPHOSPHATE"
#
loop_
_entity_poly.entity_id
_entity_poly.type
_entity_poly.pdbx_seq_one_letter_code
_entity_poly.pdbx_strand_id
1 'polypeptide(L)'
;MVHHHHHHHHGGSAWSHPQFEKGGGSGGGSGGSAWSHPQFEKGGSEEGKLVIWINGDKGYNGLAEVGKKFEKDTGIKVTV
EHPDKLEEKFPQVAATGDGPDIIFWAHDRFGGYAQSGLLAEITPDKAFQDKLYPFTWDAVRYNGKLIAYPIAVEALSLIY
NKDLLPNPPKTWEEIPALDKELKAKGKSALMFNLQEPYFTWPLIAADGGYAFKYENGKYDIKDVGVDNAGAKAGLTFLVD
LIKNKHMNADTDYSIAEAAFNKGETAMTINGPWAWSNIDTSKVNYGVTVLPTFKGQPSKPFVGVLSAGINAASPNKELAK
EFLENYLLTDEGLEAVNKDKPLGAVALKSYEEELVKDPRIAATMENAQKGEIMPNIPQMSAFWYAVRTAVINAASGRQTV
DEALKDAQTNSSSNNNNNNNNNNLGSDSEVNQEAKPEVKPEVKPETHINLKVSDGSSEIFFKIKKTTPLRRLMEAFAKRQ
GKEMDSLTFLYDGIEIQADQTPEDLDMEDNDIIEAHREQIGGMTGSTSHITILTLNINGLNSAIKRHRLASWIKSQDPSV
CCIQETHLTCRDTHRLKIKGWRKIYQANGKQKKAGVAILVSDKTDFKPTKIKRDKEGHYIMVKGSIQQEELTILNIYAPN
TGAPRFIKQVLSDLQRDLDSHTLIMGDFNTPLSTLDRSTRQKVNKDTQELNSALHQADLIDIYRTLHPKSTEYTFFSAPH
HTYSKIDHIVGSKALLSKCKRTEIITNYLSDHSAIKLELRIKNLTQSRSTTWKLNNLLLNDYWVHNEMKAEIKMFFETNE
NKDTTYQNLWDAFKAVCRGKFIALNAYKRKQERSKIDTLTSQLKELEKQEQTHSKASRRQEITKIRAELKEIETQKTLQK
INESRSWFFERINKIDRPLARLIKKKREKNQIDTIKNDKGDITTDPTEIQTTIREYYKHLYANKLENLEEMDTFLDTYTL
PRLNQEEVESLNRPITGSEIVAIINSLPTKKSPGPDGFTAEFYQRYKEELVPFLLKLFQSIEKEGILPNSFYEASIILIP
KPGRDTTKKENFRPISLMNIDAKILNKILANRIQQHIKKLIHHDQVGFIPGMQGWFNIRKSINVIQHINRAKDKNHMIIS
IDAEKAFDKIQQPFMLKTLNKLGIDGTYFKIIRAIYDKPTANIILNGQKLEAFPLKTGTRQGCPLSPLLFNIVLEVLARA
IRQEKEIKGIQLGKEEVKLSLFADDMIVYLENPIVSAQNLLKLISNFSKVSGYKINVQKSQAFLYTNNRQTESQIMGELP
FTIASKRIKYLGIQLTRDVKDLFKENYKPLLKEIKEETNKWKNIPCSWVGRINIVKMAILPKVIYRFNAIPIKLPMTFFT
ELEKTTLKFIWNQKRARIAKSILSQKNKAGGITLPDFKLYYKATVTKTAWYWYQNRDIDQWNRTEPSEIMPHIYNYLIFD
KPEKNKQWGKDSLFNKWCWENWLAICRKLKLDPFLTPYTKINSRWIKDLNVKPKTIKTLEENLGITIQDIGVGKDFMSKT
PKAMATKDKIDKWDLIKLKSFCTAKETTIRVNRQPTTWEKIFATYSSDKGLISRIYNELKQIYKKKTNNPIKKWAKDMNR
HFSKEDIYAAKKHMKKCSSSLAIREMQIKTTMRYHLTPVRMAIIKKSGNNRCWRGCGEIGTLLHCWWDCKLVQPLWKSVW
RFLRDLELEIPFDPAIPLLGIYPNEYKSCCYKDTCTRMFIAALFTIAKTWNQPKCPTMIDWIKKMWHIYTMEYYAAIKND
EFISFVGTWMKLETIILSKLSQEQKTKHRIFSLIGGN
;
A
2 'polydeoxyribonucleotide'
;(DT)(DT)(DA)(DG)(DT)(DT)(DG)(DC)(DT)(DG)(DA)(DA)(DT)(DT)(DA)(DT)(DT)(DG)(DG)(DA)
(DA)(DG)(DT)(DT)(DT)(DT)(DG)(DT)(DT)(DT)(DT)(DT)(DT)(DT)(DT)(DT)(DT)
;
B
3 'polydeoxyribonucleotide'
;(DA)(DA)(DA)(DC)(DA)(DA)(DA)(DA)(DC)(DT)(DT)(DC)(DC)(DA)(DA)(DT)(DA)(DA)(DT)(DT)
(DC)(DA)(DG)(DC)(DA)(DA)(DC)(DT)(DA)(DA)
;
C
4 'polyribonucleotide' AAAAAAAAAAAAAAAAAAAAAAAAAAAAAA D
5 'polydeoxyribonucleotide'
;(DT)(DT)(DT)(DT)(DT)(DT)(DT)(DT)(DT)(DT)(DT)(DT)(DT)(DT)(DT)(DT)(DT)(DT)(DT)(DT)
(DT)(DA)(DT)(DA)(DA)(DA)
;
E
6 'polydeoxyribonucleotide' (DA)(DA)(DA)(DA)(DA)(DA)(DA)(DA)(DA)(DA)(DA)(DA)(DA)(DA)(DA)(DA)(DA)(DA)(DA) F
7 'polydeoxyribonucleotide' (DA)(DA)(DA)(DA) G
#
loop_
_chem_comp.id
_chem_comp.type
_chem_comp.name
_chem_comp.formula
A RNA linking ADENOSINE-5'-MONOPHOSPHATE 'C10 H14 N5 O7 P'
D3T DNA OH 3 prime terminus 2',3'-DIDEOXY-THYMIDINE-5'-TRIPHOSPHATE 'C10 H17 N2 O13 P3'
DA DNA linking 2'-DEOXYADENOSINE-5'-MONOPHOSPHATE 'C10 H14 N5 O6 P'
DC DNA linking 2'-DEOXYCYTIDINE-5'-MONOPHOSPHATE 'C9 H14 N3 O7 P'
DG DNA linking 2'-DEOXYGUANOSINE-5'-MONOPHOSPHATE 'C10 H14 N5 O7 P'
DT DNA linking THYMIDINE-5'-MONOPHOSPHATE 'C10 H15 N2 O8 P'
MG non-polymer 'MAGNESIUM ION' 'Mg 2'
ZN non-polymer 'ZINC ION' 'Zn 2'
#
# COMPACT_ATOMS: atom_id res chain seq x y z
N THR A 771 33.09 -6.11 1.94
CA THR A 771 32.46 -5.77 0.66
C THR A 771 31.83 -4.37 0.72
N TRP A 772 32.18 -3.54 -0.27
CA TRP A 772 31.67 -2.17 -0.35
C TRP A 772 30.17 -2.12 -0.59
N LYS A 773 29.55 -1.05 -0.07
CA LYS A 773 28.20 -0.64 -0.42
C LYS A 773 28.20 0.88 -0.54
N LEU A 774 27.45 1.41 -1.50
CA LEU A 774 27.28 2.86 -1.57
C LEU A 774 26.46 3.35 -0.38
N ASN A 775 26.97 4.39 0.31
CA ASN A 775 26.26 5.08 1.37
C ASN A 775 25.47 6.23 0.77
N ASN A 776 24.13 6.17 0.82
CA ASN A 776 23.30 7.09 0.07
C ASN A 776 23.46 8.55 0.52
N LEU A 777 23.82 8.77 1.79
CA LEU A 777 24.10 10.12 2.28
C LEU A 777 25.21 10.80 1.47
N LEU A 778 26.17 10.02 0.97
CA LEU A 778 27.27 10.54 0.16
C LEU A 778 26.79 11.21 -1.13
N LEU A 779 25.61 10.82 -1.64
CA LEU A 779 25.07 11.40 -2.86
C LEU A 779 24.61 12.84 -2.65
N ASN A 780 24.13 13.16 -1.44
CA ASN A 780 23.61 14.49 -1.11
C ASN A 780 24.57 15.64 -1.39
N ASP A 781 25.90 15.41 -1.39
CA ASP A 781 26.84 16.48 -1.11
C ASP A 781 27.31 17.13 -2.40
N TYR A 782 27.37 18.47 -2.38
CA TYR A 782 27.57 19.26 -3.59
C TYR A 782 28.89 18.94 -4.27
N TRP A 783 29.96 18.85 -3.48
CA TRP A 783 31.29 18.57 -4.01
C TRP A 783 31.40 17.13 -4.53
N VAL A 784 30.86 16.17 -3.79
CA VAL A 784 30.90 14.77 -4.19
C VAL A 784 30.19 14.56 -5.53
N HIS A 785 28.98 15.10 -5.65
CA HIS A 785 28.25 15.07 -6.91
C HIS A 785 29.05 15.67 -8.06
N ASN A 786 29.64 16.84 -7.85
CA ASN A 786 30.36 17.53 -8.92
C ASN A 786 31.53 16.69 -9.46
N GLU A 787 32.36 16.15 -8.57
CA GLU A 787 33.52 15.38 -9.01
C GLU A 787 33.15 14.01 -9.59
N MET A 788 32.10 13.36 -9.08
CA MET A 788 31.67 12.09 -9.63
C MET A 788 31.08 12.27 -11.04
N LYS A 789 30.21 13.25 -11.19
CA LYS A 789 29.67 13.64 -12.49
C LYS A 789 30.76 14.00 -13.49
N ALA A 790 31.89 14.54 -13.02
CA ALA A 790 33.04 14.80 -13.90
C ALA A 790 33.72 13.53 -14.40
N GLU A 791 33.99 12.53 -13.53
CA GLU A 791 34.58 11.30 -14.04
C GLU A 791 33.64 10.48 -14.93
N ILE A 792 32.32 10.49 -14.67
CA ILE A 792 31.43 9.72 -15.51
C ILE A 792 31.56 10.18 -16.97
N LYS A 793 31.63 11.49 -17.17
CA LYS A 793 31.88 12.05 -18.48
C LYS A 793 33.27 11.65 -19.00
N MET A 794 34.30 11.85 -18.16
CA MET A 794 35.67 11.61 -18.57
C MET A 794 35.95 10.13 -18.88
N PHE A 795 35.40 9.20 -18.10
CA PHE A 795 35.69 7.79 -18.33
C PHE A 795 35.31 7.36 -19.74
N PHE A 796 34.08 7.64 -20.17
CA PHE A 796 33.62 7.11 -21.44
C PHE A 796 34.27 7.83 -22.63
N GLU A 797 34.53 9.14 -22.52
CA GLU A 797 35.11 9.84 -23.65
C GLU A 797 36.55 9.41 -23.90
N THR A 798 37.28 9.05 -22.84
CA THR A 798 38.63 8.49 -22.98
C THR A 798 38.59 7.06 -23.55
N ASN A 799 37.78 6.19 -22.95
CA ASN A 799 37.85 4.74 -23.14
C ASN A 799 37.30 4.21 -24.47
N GLU A 800 36.39 4.90 -25.15
CA GLU A 800 35.45 4.20 -26.01
C GLU A 800 35.98 4.10 -27.43
N ASN A 801 36.46 2.88 -27.74
CA ASN A 801 37.33 2.57 -28.86
C ASN A 801 37.04 1.13 -29.29
N LYS A 802 37.39 0.82 -30.55
CA LYS A 802 37.07 -0.47 -31.17
C LYS A 802 37.65 -1.68 -30.42
N ASP A 803 38.68 -1.49 -29.60
CA ASP A 803 39.34 -2.61 -28.93
C ASP A 803 38.40 -3.48 -28.08
N THR A 804 37.36 -2.89 -27.47
CA THR A 804 36.60 -3.58 -26.43
C THR A 804 35.09 -3.47 -26.65
N THR A 805 34.39 -4.57 -26.35
CA THR A 805 32.93 -4.57 -26.39
C THR A 805 32.37 -3.69 -25.27
N TYR A 806 31.13 -3.20 -25.46
CA TYR A 806 30.32 -2.69 -24.36
C TYR A 806 30.10 -3.66 -23.18
N GLN A 807 30.03 -4.97 -23.40
CA GLN A 807 29.76 -5.82 -22.26
C GLN A 807 30.94 -5.80 -21.26
N ASN A 808 32.17 -5.82 -21.79
CA ASN A 808 33.36 -5.66 -20.95
C ASN A 808 33.53 -4.22 -20.47
N LEU A 809 33.38 -3.25 -21.38
CA LEU A 809 33.53 -1.84 -21.04
C LEU A 809 32.60 -1.38 -19.91
N TRP A 810 31.40 -1.95 -19.82
CA TRP A 810 30.49 -1.61 -18.74
C TRP A 810 30.96 -2.11 -17.36
N ASP A 811 31.50 -3.32 -17.29
CA ASP A 811 32.12 -3.77 -16.04
C ASP A 811 33.39 -3.01 -15.65
N ALA A 812 34.19 -2.57 -16.63
CA ALA A 812 35.34 -1.71 -16.33
C ALA A 812 34.92 -0.35 -15.78
N PHE A 813 33.87 0.25 -16.34
CA PHE A 813 33.34 1.50 -15.82
C PHE A 813 32.90 1.40 -14.35
N LYS A 814 32.18 0.33 -13.99
CA LYS A 814 31.71 0.20 -12.62
C LYS A 814 32.85 0.06 -11.60
N ALA A 815 33.94 -0.62 -11.97
CA ALA A 815 35.10 -0.71 -11.08
C ALA A 815 35.72 0.66 -10.80
N VAL A 816 35.95 1.46 -11.84
CA VAL A 816 36.50 2.80 -11.68
C VAL A 816 35.59 3.67 -10.81
N CYS A 817 34.28 3.64 -11.08
CA CYS A 817 33.32 4.42 -10.31
C CYS A 817 33.27 4.03 -8.83
N ARG A 818 33.45 2.75 -8.52
CA ARG A 818 33.56 2.32 -7.13
C ARG A 818 34.87 2.76 -6.47
N GLY A 819 35.97 2.82 -7.24
CA GLY A 819 37.20 3.41 -6.73
C GLY A 819 37.05 4.87 -6.32
N LYS A 820 36.47 5.69 -7.20
CA LYS A 820 36.27 7.10 -6.93
C LYS A 820 35.47 7.36 -5.66
N PHE A 821 34.35 6.66 -5.46
CA PHE A 821 33.56 6.89 -4.27
C PHE A 821 34.33 6.64 -2.97
N ILE A 822 35.22 5.64 -2.96
CA ILE A 822 35.97 5.34 -1.74
C ILE A 822 37.00 6.44 -1.45
N ALA A 823 37.69 6.92 -2.49
CA ALA A 823 38.60 8.05 -2.35
C ALA A 823 37.91 9.33 -1.90
N LEU A 824 36.76 9.66 -2.48
CA LEU A 824 36.01 10.84 -2.06
C LEU A 824 35.43 10.72 -0.66
N ASN A 825 35.03 9.51 -0.24
CA ASN A 825 34.59 9.32 1.14
C ASN A 825 35.73 9.58 2.12
N ALA A 826 36.92 9.05 1.84
CA ALA A 826 38.03 9.16 2.78
C ALA A 826 38.49 10.61 2.94
N TYR A 827 38.63 11.33 1.83
CA TYR A 827 39.02 12.73 1.89
C TYR A 827 38.01 13.59 2.64
N LYS A 828 36.71 13.39 2.36
CA LYS A 828 35.67 14.07 3.11
C LYS A 828 35.81 13.83 4.60
N ARG A 829 35.96 12.56 4.99
CA ARG A 829 35.92 12.18 6.39
C ARG A 829 37.18 12.61 7.15
N LYS A 830 38.34 12.64 6.48
CA LYS A 830 39.51 13.28 7.05
C LYS A 830 39.29 14.77 7.29
N GLN A 831 38.83 15.49 6.26
CA GLN A 831 38.75 16.94 6.31
C GLN A 831 37.89 17.42 7.49
N GLU A 832 36.75 16.78 7.72
CA GLU A 832 35.84 17.18 8.78
C GLU A 832 36.42 17.03 10.20
N ARG A 833 37.55 16.36 10.38
CA ARG A 833 38.24 16.34 11.68
C ARG A 833 39.53 17.16 11.71
N SER A 834 39.82 17.94 10.66
CA SER A 834 41.08 18.67 10.52
C SER A 834 41.34 19.62 11.69
N LYS A 835 40.30 20.31 12.16
CA LYS A 835 40.42 21.18 13.33
C LYS A 835 40.89 20.42 14.56
N ILE A 836 40.21 19.30 14.87
CA ILE A 836 40.55 18.52 16.05
C ILE A 836 41.96 17.93 15.94
N ASP A 837 42.40 17.57 14.73
CA ASP A 837 43.80 17.17 14.53
C ASP A 837 44.75 18.25 15.02
N THR A 838 44.51 19.50 14.61
CA THR A 838 45.41 20.61 14.92
C THR A 838 45.38 20.92 16.42
N LEU A 839 44.20 21.00 17.01
CA LEU A 839 44.07 21.21 18.45
C LEU A 839 44.75 20.12 19.26
N THR A 840 44.60 18.84 18.85
CA THR A 840 45.16 17.76 19.64
C THR A 840 46.69 17.74 19.58
N SER A 841 47.27 18.04 18.41
CA SER A 841 48.73 18.11 18.31
C SER A 841 49.27 19.29 19.09
N GLN A 842 48.69 20.47 18.86
CA GLN A 842 49.13 21.71 19.48
C GLN A 842 49.08 21.62 21.02
N LEU A 843 47.95 21.13 21.55
CA LEU A 843 47.81 20.93 22.99
C LEU A 843 48.81 19.89 23.52
N LYS A 844 49.00 18.78 22.80
CA LYS A 844 49.92 17.74 23.25
C LYS A 844 51.38 18.22 23.22
N GLU A 845 51.73 19.11 22.29
CA GLU A 845 53.08 19.67 22.25
C GLU A 845 53.40 20.47 23.51
N LEU A 846 52.50 21.34 23.94
CA LEU A 846 52.74 22.16 25.12
C LEU A 846 52.81 21.31 26.39
N GLU A 847 51.95 20.29 26.51
CA GLU A 847 52.00 19.38 27.65
C GLU A 847 53.20 18.41 27.58
N LYS A 848 53.67 18.07 26.37
CA LYS A 848 54.91 17.33 26.23
C LYS A 848 56.10 18.08 26.82
N GLN A 849 56.13 19.41 26.67
CA GLN A 849 57.14 20.22 27.35
C GLN A 849 56.91 20.27 28.86
N GLU A 850 55.64 20.30 29.29
CA GLU A 850 55.29 20.32 30.71
C GLU A 850 55.90 19.17 31.50
N GLN A 851 56.10 18.02 30.86
CA GLN A 851 56.80 16.89 31.50
C GLN A 851 58.22 17.23 31.96
N THR A 852 58.99 18.00 31.21
CA THR A 852 60.36 18.29 31.64
C THR A 852 60.41 19.46 32.63
N HIS A 853 59.80 20.59 32.25
CA HIS A 853 59.71 21.75 33.13
C HIS A 853 58.26 22.24 33.12
N SER A 854 57.80 22.70 34.29
CA SER A 854 56.42 23.15 34.45
C SER A 854 56.39 24.68 34.47
N LYS A 855 55.56 25.25 33.59
CA LYS A 855 55.53 26.69 33.34
C LYS A 855 54.10 27.19 33.51
N ALA A 856 53.96 28.44 33.96
CA ALA A 856 52.65 29.00 34.28
C ALA A 856 51.86 29.33 33.03
N SER A 857 52.47 30.08 32.10
CA SER A 857 51.79 30.57 30.91
C SER A 857 51.39 29.44 29.96
N ARG A 858 52.19 28.37 29.90
CA ARG A 858 51.81 27.19 29.14
C ARG A 858 50.55 26.53 29.72
N ARG A 859 50.46 26.42 31.05
CA ARG A 859 49.28 25.85 31.68
C ARG A 859 48.02 26.68 31.42
N GLN A 860 48.16 27.99 31.28
CA GLN A 860 47.05 28.84 30.87
C GLN A 860 46.61 28.54 29.43
N GLU A 861 47.56 28.49 28.50
CA GLU A 861 47.22 28.19 27.10
C GLU A 861 46.67 26.76 26.96
N ILE A 862 47.25 25.81 27.70
CA ILE A 862 46.72 24.45 27.74
C ILE A 862 45.25 24.45 28.15
N THR A 863 44.94 25.19 29.22
CA THR A 863 43.56 25.28 29.69
C THR A 863 42.65 25.92 28.64
N LYS A 864 43.16 26.93 27.94
CA LYS A 864 42.36 27.62 26.92
C LYS A 864 41.98 26.68 25.78
N ILE A 865 42.97 25.97 25.23
CA ILE A 865 42.75 25.11 24.08
C ILE A 865 41.92 23.88 24.50
N ARG A 866 42.20 23.31 25.66
CA ARG A 866 41.47 22.15 26.14
C ARG A 866 39.99 22.46 26.39
N ALA A 867 39.66 23.70 26.77
CA ALA A 867 38.27 24.15 26.79
C ALA A 867 37.62 24.09 25.41
N GLU A 868 38.31 24.62 24.39
CA GLU A 868 37.75 24.65 23.04
C GLU A 868 37.54 23.24 22.46
N LEU A 869 38.44 22.31 22.76
CA LEU A 869 38.26 20.92 22.34
C LEU A 869 36.96 20.34 22.90
N LYS A 870 36.74 20.52 24.20
CA LYS A 870 35.52 20.02 24.83
C LYS A 870 34.26 20.72 24.30
N GLU A 871 34.38 22.00 23.92
CA GLU A 871 33.28 22.71 23.29
C GLU A 871 32.84 22.06 21.97
N ILE A 872 33.79 21.81 21.06
CA ILE A 872 33.43 21.20 19.79
C ILE A 872 32.93 19.75 19.96
N GLU A 873 33.46 19.01 20.93
CA GLU A 873 32.90 17.71 21.25
C GLU A 873 31.41 17.80 21.61
N THR A 874 31.03 18.82 22.38
CA THR A 874 29.64 18.98 22.76
C THR A 874 28.78 19.42 21.57
N GLN A 875 29.25 20.39 20.79
CA GLN A 875 28.51 20.87 19.63
C GLN A 875 28.16 19.74 18.66
N LYS A 876 29.13 18.86 18.36
CA LYS A 876 28.85 17.73 17.49
C LYS A 876 27.79 16.81 18.08
N THR A 877 27.87 16.56 19.40
CA THR A 877 26.94 15.65 20.05
C THR A 877 25.51 16.20 19.98
N LEU A 878 25.32 17.48 20.33
CA LEU A 878 24.00 18.09 20.31
C LEU A 878 23.38 18.08 18.92
N GLN A 879 24.13 18.52 17.91
CA GLN A 879 23.59 18.56 16.55
C GLN A 879 23.11 17.18 16.10
N LYS A 880 23.81 16.12 16.50
CA LYS A 880 23.36 14.78 16.20
C LYS A 880 22.00 14.48 16.84
N ILE A 881 21.81 14.89 18.09
CA ILE A 881 20.54 14.69 18.77
C ILE A 881 19.43 15.53 18.14
N ASN A 882 19.70 16.82 17.90
CA ASN A 882 18.70 17.71 17.34
C ASN A 882 18.29 17.33 15.91
N GLU A 883 19.20 16.82 15.10
CA GLU A 883 18.83 16.34 13.78
C GLU A 883 17.93 15.10 13.84
N SER A 884 18.18 14.22 14.82
CA SER A 884 17.36 13.03 15.00
C SER A 884 15.96 13.38 15.49
N ARG A 885 15.88 14.25 16.50
CA ARG A 885 14.61 14.74 17.01
C ARG A 885 13.77 15.44 15.95
N SER A 886 14.40 16.30 15.15
CA SER A 886 13.69 17.02 14.10
C SER A 886 13.01 16.08 13.09
N TRP A 887 13.70 15.00 12.71
CA TRP A 887 13.12 14.03 11.80
C TRP A 887 11.88 13.37 12.39
N PHE A 888 11.96 12.99 13.66
CA PHE A 888 10.86 12.34 14.37
C PHE A 888 9.69 13.30 14.63
N PHE A 889 9.99 14.57 14.89
CA PHE A 889 8.96 15.60 15.07
C PHE A 889 8.05 15.77 13.87
N GLU A 890 8.54 15.58 12.63
CA GLU A 890 7.68 15.67 11.47
C GLU A 890 6.72 14.48 11.35
N ARG A 891 7.23 13.27 11.65
CA ARG A 891 6.51 12.01 11.50
C ARG A 891 5.57 11.64 12.66
N ILE A 892 5.74 12.23 13.84
CA ILE A 892 4.98 11.79 15.01
C ILE A 892 3.46 11.75 14.76
N ASN A 893 2.83 10.68 15.29
CA ASN A 893 1.42 10.35 15.17
C ASN A 893 0.90 10.10 13.73
N LYS A 894 1.78 10.08 12.73
CA LYS A 894 1.42 9.95 11.33
C LYS A 894 1.59 8.50 10.89
N ILE A 895 0.86 8.10 9.83
CA ILE A 895 0.91 6.71 9.38
C ILE A 895 2.17 6.55 8.55
N ASP A 896 3.22 6.09 9.24
CA ASP A 896 4.61 6.25 8.84
C ASP A 896 5.42 5.21 9.61
N ARG A 897 6.69 5.08 9.26
CA ARG A 897 7.52 4.03 9.81
C ARG A 897 7.68 4.08 11.34
N PRO A 898 7.84 5.26 11.98
CA PRO A 898 7.88 5.29 13.44
C PRO A 898 6.66 4.66 14.11
N LEU A 899 5.46 5.04 13.67
CA LEU A 899 4.24 4.53 14.28
C LEU A 899 4.04 3.05 13.97
N ALA A 900 4.33 2.63 12.74
CA ALA A 900 4.35 1.21 12.40
C ALA A 900 5.31 0.41 13.30
N ARG A 901 6.49 0.97 13.58
CA ARG A 901 7.46 0.29 14.43
C ARG A 901 7.05 0.28 15.90
N LEU A 902 6.33 1.31 16.37
CA LEU A 902 5.84 1.33 17.74
C LEU A 902 4.96 0.11 18.06
N ILE A 903 4.06 -0.27 17.17
CA ILE A 903 3.22 -1.45 17.43
C ILE A 903 3.96 -2.75 17.13
N LYS A 904 4.89 -2.76 16.16
CA LYS A 904 5.70 -3.95 15.90
C LYS A 904 6.64 -4.28 17.06
N LYS A 905 7.05 -5.56 17.11
CA LYS A 905 8.23 -5.97 17.86
C LYS A 905 9.51 -5.55 17.14
N LYS A 906 10.66 -5.84 17.77
CA LYS A 906 11.97 -5.68 17.16
C LYS A 906 12.13 -6.57 15.94
N ARG A 907 12.86 -6.10 14.93
CA ARG A 907 13.25 -6.94 13.81
C ARG A 907 14.36 -7.91 14.24
N GLU A 908 14.15 -9.20 13.95
CA GLU A 908 14.92 -10.25 14.60
C GLU A 908 16.01 -10.76 13.66
N LYS A 909 17.23 -10.82 14.18
CA LYS A 909 18.43 -10.88 13.36
C LYS A 909 18.61 -12.21 12.63
N ASN A 910 19.42 -12.15 11.57
CA ASN A 910 19.63 -13.23 10.63
C ASN A 910 20.91 -13.94 11.06
N GLN A 911 20.74 -14.99 11.86
CA GLN A 911 21.83 -15.63 12.60
C GLN A 911 21.50 -17.11 12.68
N ILE A 912 22.29 -17.95 12.02
CA ILE A 912 22.18 -19.39 12.21
C ILE A 912 23.29 -19.84 13.15
N ASP A 913 22.89 -20.21 14.37
CA ASP A 913 23.78 -20.63 15.43
C ASP A 913 23.54 -22.09 15.84
N THR A 914 22.47 -22.71 15.30
CA THR A 914 22.10 -24.08 15.59
C THR A 914 21.59 -24.69 14.29
N ILE A 915 22.02 -25.92 13.98
CA ILE A 915 21.45 -26.68 12.87
C ILE A 915 21.25 -28.14 13.28
N LYS A 916 20.13 -28.70 12.84
CA LYS A 916 19.88 -30.14 12.84
C LYS A 916 20.64 -30.79 11.68
N ASN A 917 21.46 -31.79 12.01
CA ASN A 917 22.60 -32.23 11.23
C ASN A 917 22.23 -33.46 10.41
N ASP A 918 22.96 -33.69 9.31
CA ASP A 918 22.75 -34.86 8.46
C ASP A 918 22.78 -36.17 9.25
N LYS A 919 23.58 -36.23 10.33
CA LYS A 919 23.64 -37.38 11.22
C LYS A 919 22.42 -37.52 12.13
N GLY A 920 21.53 -36.52 12.18
CA GLY A 920 20.44 -36.52 13.14
C GLY A 920 20.78 -35.83 14.47
N ASP A 921 21.97 -35.19 14.53
CA ASP A 921 22.48 -34.53 15.71
C ASP A 921 22.26 -33.03 15.59
N ILE A 922 22.22 -32.34 16.74
CA ILE A 922 22.17 -30.88 16.75
C ILE A 922 23.59 -30.37 16.98
N THR A 923 24.04 -29.46 16.10
CA THR A 923 25.42 -29.01 16.06
C THR A 923 25.48 -27.48 15.99
N THR A 924 26.40 -26.91 16.78
CA THR A 924 26.59 -25.45 16.83
C THR A 924 28.02 -25.03 16.47
N ASP A 925 28.87 -25.95 16.00
CA ASP A 925 30.17 -25.61 15.46
C ASP A 925 30.03 -24.79 14.18
N PRO A 926 30.46 -23.50 14.16
CA PRO A 926 30.18 -22.62 13.03
C PRO A 926 30.61 -23.11 11.64
N THR A 927 31.81 -23.70 11.53
CA THR A 927 32.31 -24.14 10.22
C THR A 927 31.51 -25.35 9.71
N GLU A 928 31.04 -26.20 10.63
CA GLU A 928 30.14 -27.28 10.27
C GLU A 928 28.76 -26.77 9.83
N ILE A 929 28.33 -25.63 10.38
CA ILE A 929 27.13 -24.96 9.89
C ILE A 929 27.34 -24.45 8.47
N GLN A 930 28.44 -23.72 8.23
CA GLN A 930 28.70 -23.18 6.91
C GLN A 930 28.82 -24.26 5.84
N THR A 931 29.35 -25.43 6.19
CA THR A 931 29.40 -26.54 5.26
C THR A 931 28.01 -27.12 4.99
N THR A 932 27.24 -27.38 6.06
CA THR A 932 25.99 -28.10 5.93
C THR A 932 24.95 -27.32 5.14
N ILE A 933 24.86 -26.00 5.35
CA ILE A 933 23.99 -25.17 4.55
C ILE A 933 24.42 -25.16 3.08
N ARG A 934 25.70 -24.89 2.82
CA ARG A 934 26.13 -24.72 1.43
C ARG A 934 25.97 -26.01 0.64
N GLU A 935 26.28 -27.17 1.22
CA GLU A 935 26.11 -28.42 0.51
C GLU A 935 24.65 -28.67 0.14
N TYR A 936 23.72 -28.25 1.00
CA TYR A 936 22.31 -28.47 0.75
C TYR A 936 21.76 -27.58 -0.36
N TYR A 937 22.04 -26.27 -0.32
CA TYR A 937 21.61 -25.39 -1.39
C TYR A 937 22.35 -25.64 -2.71
N LYS A 938 23.60 -26.08 -2.67
CA LYS A 938 24.31 -26.43 -3.90
C LYS A 938 23.68 -27.63 -4.59
N HIS A 939 23.23 -28.61 -3.81
CA HIS A 939 22.61 -29.81 -4.34
C HIS A 939 21.20 -29.58 -4.89
N LEU A 940 20.40 -28.74 -4.23
CA LEU A 940 19.05 -28.43 -4.69
C LEU A 940 19.02 -27.94 -6.14
N TYR A 941 19.85 -26.94 -6.46
CA TYR A 941 19.96 -26.36 -7.79
C TYR A 941 20.73 -27.18 -8.83
N ALA A 942 21.41 -28.28 -8.45
CA ALA A 942 22.39 -28.93 -9.32
C ALA A 942 21.80 -29.68 -10.53
N ASN A 943 20.63 -30.34 -10.40
CA ASN A 943 20.28 -31.45 -11.28
C ASN A 943 19.35 -31.03 -12.42
N LYS A 944 19.90 -30.93 -13.65
CA LYS A 944 19.18 -30.45 -14.82
C LYS A 944 18.72 -31.63 -15.67
N LEU A 945 17.41 -31.71 -15.93
CA LEU A 945 16.84 -32.78 -16.75
C LEU A 945 17.39 -32.77 -18.17
N GLU A 946 17.43 -33.95 -18.77
CA GLU A 946 18.11 -34.16 -20.04
C GLU A 946 17.29 -34.94 -21.06
N ASN A 947 15.99 -35.16 -20.82
CA ASN A 947 15.15 -35.92 -21.73
C ASN A 947 14.34 -34.95 -22.58
N LEU A 948 14.96 -34.44 -23.65
CA LEU A 948 14.40 -33.38 -24.47
C LEU A 948 13.41 -33.92 -25.49
N GLU A 949 13.55 -35.20 -25.85
CA GLU A 949 12.59 -35.93 -26.66
C GLU A 949 11.20 -35.98 -26.02
N GLU A 950 11.14 -36.31 -24.72
CA GLU A 950 9.88 -36.39 -24.00
C GLU A 950 9.23 -35.01 -23.84
N MET A 951 10.03 -33.96 -23.64
CA MET A 951 9.50 -32.61 -23.56
C MET A 951 8.75 -32.21 -24.83
N ASP A 952 9.25 -32.59 -25.99
CA ASP A 952 8.55 -32.35 -27.24
C ASP A 952 7.22 -33.12 -27.31
N THR A 953 7.26 -34.41 -26.94
CA THR A 953 6.09 -35.26 -27.04
C THR A 953 4.94 -34.76 -26.16
N PHE A 954 5.22 -34.32 -24.94
CA PHE A 954 4.17 -33.76 -24.09
C PHE A 954 3.63 -32.44 -24.65
N LEU A 955 4.50 -31.55 -25.12
CA LEU A 955 4.03 -30.31 -25.71
C LEU A 955 3.17 -30.50 -26.96
N ASP A 956 3.41 -31.56 -27.75
CA ASP A 956 2.55 -31.89 -28.87
C ASP A 956 1.20 -32.47 -28.45
N THR A 957 1.15 -33.21 -27.34
CA THR A 957 -0.08 -33.87 -26.91
C THR A 957 -1.26 -32.92 -26.75
N TYR A 958 -1.03 -31.67 -26.35
CA TYR A 958 -2.10 -30.77 -25.96
C TYR A 958 -2.11 -29.53 -26.84
N THR A 959 -3.29 -28.92 -26.97
CA THR A 959 -3.48 -27.73 -27.79
C THR A 959 -3.20 -26.48 -26.95
N LEU A 960 -2.27 -25.64 -27.44
CA LEU A 960 -1.80 -24.45 -26.73
C LEU A 960 -2.03 -23.21 -27.57
N PRO A 961 -2.17 -22.03 -26.95
CA PRO A 961 -2.33 -20.79 -27.71
C PRO A 961 -1.07 -20.40 -28.48
N ARG A 962 -1.21 -19.41 -29.36
CA ARG A 962 -0.08 -18.82 -30.05
C ARG A 962 -0.27 -17.31 -30.20
N LEU A 963 0.83 -16.56 -30.06
CA LEU A 963 0.87 -15.17 -30.51
C LEU A 963 0.84 -15.08 -32.03
N ASN A 964 0.15 -14.05 -32.55
CA ASN A 964 0.14 -13.75 -33.97
C ASN A 964 1.34 -12.86 -34.36
N GLN A 965 1.48 -12.61 -35.66
CA GLN A 965 2.63 -11.91 -36.19
C GLN A 965 2.74 -10.48 -35.65
N GLU A 966 1.60 -9.80 -35.49
CA GLU A 966 1.63 -8.42 -35.01
C GLU A 966 2.09 -8.38 -33.55
N GLU A 967 1.59 -9.30 -32.72
CA GLU A 967 2.02 -9.40 -31.33
C GLU A 967 3.51 -9.74 -31.23
N VAL A 968 3.95 -10.76 -31.97
CA VAL A 968 5.35 -11.17 -31.95
C VAL A 968 6.28 -10.01 -32.33
N GLU A 969 5.92 -9.25 -33.35
CA GLU A 969 6.70 -8.07 -33.72
C GLU A 969 6.77 -7.04 -32.59
N SER A 970 5.75 -6.99 -31.72
CA SER A 970 5.75 -6.07 -30.59
C SER A 970 6.78 -6.46 -29.52
N LEU A 971 6.96 -7.76 -29.29
CA LEU A 971 8.01 -8.22 -28.39
C LEU A 971 9.41 -7.88 -28.92
N ASN A 972 9.68 -8.20 -30.19
CA ASN A 972 11.01 -8.12 -30.75
C ASN A 972 11.46 -6.69 -31.14
N ARG A 973 10.64 -5.67 -30.92
CA ARG A 973 11.01 -4.33 -31.32
C ARG A 973 12.19 -3.82 -30.51
N PRO A 974 12.99 -2.87 -31.06
CA PRO A 974 14.17 -2.37 -30.36
C PRO A 974 13.85 -1.59 -29.10
N ILE A 975 14.73 -1.74 -28.10
CA ILE A 975 14.66 -0.93 -26.88
C ILE A 975 15.04 0.52 -27.20
N THR A 976 14.49 1.46 -26.42
CA THR A 976 14.69 2.89 -26.67
C THR A 976 14.92 3.64 -25.36
N GLY A 977 15.54 4.81 -25.49
CA GLY A 977 15.88 5.65 -24.35
C GLY A 977 14.69 6.06 -23.48
N SER A 978 13.53 6.30 -24.11
CA SER A 978 12.33 6.66 -23.35
C SER A 978 11.84 5.51 -22.48
N GLU A 979 12.03 4.27 -22.94
CA GLU A 979 11.64 3.10 -22.18
C GLU A 979 12.56 2.90 -20.97
N ILE A 980 13.83 3.25 -21.09
CA ILE A 980 14.79 3.12 -20.00
C ILE A 980 14.53 4.13 -18.89
N VAL A 981 14.41 5.42 -19.22
CA VAL A 981 14.16 6.44 -18.21
C VAL A 981 12.86 6.21 -17.44
N ALA A 982 11.82 5.72 -18.12
CA ALA A 982 10.56 5.41 -17.44
C ALA A 982 10.73 4.33 -16.37
N ILE A 983 11.57 3.32 -16.64
CA ILE A 983 11.83 2.26 -15.66
C ILE A 983 12.70 2.76 -14.51
N ILE A 984 13.68 3.64 -14.78
CA ILE A 984 14.48 4.21 -13.72
C ILE A 984 13.61 5.01 -12.74
N ASN A 985 12.72 5.86 -13.26
CA ASN A 985 11.86 6.68 -12.42
C ASN A 985 11.01 5.87 -11.43
N SER A 986 10.64 4.64 -11.78
CA SER A 986 9.75 3.83 -10.96
C SER A 986 10.46 2.89 -9.97
N LEU A 987 11.79 2.82 -9.96
CA LEU A 987 12.48 1.89 -9.08
C LEU A 987 12.22 2.23 -7.61
N PRO A 988 11.97 1.21 -6.75
CA PRO A 988 11.78 1.47 -5.33
C PRO A 988 13.04 2.04 -4.66
N THR A 989 12.82 3.09 -3.85
CA THR A 989 13.83 3.69 -3.00
C THR A 989 13.94 2.94 -1.66
N LYS A 990 15.12 3.00 -1.03
CA LYS A 990 15.44 2.37 0.26
C LYS A 990 15.52 0.83 0.18
N LYS A 991 16.03 0.29 -0.94
CA LYS A 991 16.21 -1.14 -1.11
C LYS A 991 17.69 -1.51 -1.07
N SER A 992 18.00 -2.72 -0.56
CA SER A 992 19.34 -3.25 -0.54
C SER A 992 19.94 -3.29 -1.94
N PRO A 993 21.23 -2.88 -2.13
CA PRO A 993 21.88 -3.05 -3.41
C PRO A 993 22.22 -4.51 -3.71
N GLY A 994 22.66 -4.75 -4.95
CA GLY A 994 23.19 -6.04 -5.33
C GLY A 994 24.64 -6.21 -4.91
N PRO A 995 25.23 -7.37 -5.28
CA PRO A 995 26.61 -7.67 -4.90
C PRO A 995 27.66 -6.66 -5.36
N ASP A 996 27.42 -5.93 -6.46
CA ASP A 996 28.33 -4.87 -6.86
C ASP A 996 28.14 -3.55 -6.07
N GLY A 997 27.15 -3.48 -5.17
CA GLY A 997 27.04 -2.39 -4.21
C GLY A 997 26.33 -1.12 -4.65
N PHE A 998 25.99 -0.94 -5.93
CA PHE A 998 25.29 0.28 -6.33
C PHE A 998 23.78 0.19 -6.07
N THR A 999 23.19 1.33 -5.71
CA THR A 999 21.78 1.41 -5.32
C THR A 999 20.94 2.02 -6.44
N ALA A 1000 19.62 1.91 -6.29
CA ALA A 1000 18.66 2.56 -7.18
C ALA A 1000 18.83 4.07 -7.22
N GLU A 1001 19.16 4.68 -6.07
CA GLU A 1001 19.34 6.12 -5.98
C GLU A 1001 20.52 6.62 -6.83
N PHE A 1002 21.56 5.81 -7.04
CA PHE A 1002 22.63 6.19 -7.93
C PHE A 1002 22.13 6.37 -9.37
N TYR A 1003 21.38 5.39 -9.88
CA TYR A 1003 20.90 5.46 -11.25
C TYR A 1003 19.92 6.61 -11.46
N GLN A 1004 19.03 6.83 -10.49
CA GLN A 1004 18.15 8.00 -10.51
C GLN A 1004 18.91 9.33 -10.49
N ARG A 1005 20.00 9.43 -9.73
CA ARG A 1005 20.73 10.67 -9.67
C ARG A 1005 21.46 11.02 -10.98
N TYR A 1006 22.11 10.04 -11.61
CA TYR A 1006 22.92 10.31 -12.81
C TYR A 1006 22.26 9.82 -14.10
N LYS A 1007 20.93 9.70 -14.12
CA LYS A 1007 20.20 9.22 -15.28
C LYS A 1007 20.47 10.02 -16.56
N GLU A 1008 20.89 11.28 -16.46
CA GLU A 1008 21.21 12.04 -17.66
C GLU A 1008 22.45 11.49 -18.37
N GLU A 1009 23.55 11.33 -17.65
CA GLU A 1009 24.79 10.82 -18.24
C GLU A 1009 24.70 9.32 -18.55
N LEU A 1010 24.11 8.54 -17.63
CA LEU A 1010 24.09 7.09 -17.76
C LEU A 1010 23.19 6.58 -18.89
N VAL A 1011 22.05 7.23 -19.16
CA VAL A 1011 21.07 6.65 -20.08
C VAL A 1011 21.60 6.53 -21.50
N PRO A 1012 22.36 7.50 -22.06
CA PRO A 1012 23.02 7.25 -23.34
C PRO A 1012 23.87 5.99 -23.39
N PHE A 1013 24.69 5.76 -22.35
CA PHE A 1013 25.55 4.59 -22.31
C PHE A 1013 24.77 3.31 -22.00
N LEU A 1014 23.73 3.38 -21.16
CA LEU A 1014 22.87 2.23 -20.96
C LEU A 1014 22.17 1.80 -22.25
N LEU A 1015 21.75 2.76 -23.07
CA LEU A 1015 21.14 2.45 -24.35
C LEU A 1015 22.11 1.70 -25.26
N LYS A 1016 23.34 2.18 -25.34
CA LYS A 1016 24.37 1.48 -26.10
C LYS A 1016 24.60 0.05 -25.60
N LEU A 1017 24.49 -0.17 -24.28
CA LEU A 1017 24.64 -1.50 -23.73
C LEU A 1017 23.53 -2.44 -24.21
N PHE A 1018 22.27 -2.03 -24.05
CA PHE A 1018 21.15 -2.91 -24.42
C PHE A 1018 21.06 -3.14 -25.92
N GLN A 1019 21.41 -2.16 -26.74
CA GLN A 1019 21.54 -2.37 -28.17
C GLN A 1019 22.62 -3.39 -28.53
N SER A 1020 23.71 -3.45 -27.76
CA SER A 1020 24.73 -4.47 -27.97
C SER A 1020 24.26 -5.86 -27.53
N ILE A 1021 23.46 -5.93 -26.46
CA ILE A 1021 22.92 -7.19 -26.00
C ILE A 1021 21.90 -7.76 -26.98
N GLU A 1022 21.08 -6.89 -27.59
CA GLU A 1022 20.15 -7.33 -28.63
C GLU A 1022 20.89 -7.99 -29.79
N LYS A 1023 21.90 -7.30 -30.31
CA LYS A 1023 22.64 -7.75 -31.47
C LYS A 1023 23.31 -9.11 -31.23
N GLU A 1024 23.95 -9.29 -30.08
CA GLU A 1024 24.80 -10.46 -29.84
C GLU A 1024 24.16 -11.53 -28.96
N GLY A 1025 23.25 -11.16 -28.05
CA GLY A 1025 22.75 -12.11 -27.07
C GLY A 1025 23.81 -12.52 -26.05
N ILE A 1026 24.72 -11.59 -25.69
CA ILE A 1026 25.76 -11.82 -24.70
C ILE A 1026 25.62 -10.75 -23.62
N LEU A 1027 25.50 -11.19 -22.35
CA LEU A 1027 25.42 -10.29 -21.20
C LEU A 1027 26.81 -10.05 -20.61
N PRO A 1028 27.00 -8.96 -19.84
CA PRO A 1028 28.19 -8.83 -19.00
C PRO A 1028 28.25 -9.88 -17.89
N ASN A 1029 29.41 -10.02 -17.29
CA ASN A 1029 29.64 -11.07 -16.31
C ASN A 1029 28.94 -10.78 -14.98
N SER A 1030 28.87 -9.50 -14.59
CA SER A 1030 28.20 -9.09 -13.36
C SER A 1030 26.69 -9.34 -13.38
N PHE A 1031 26.05 -9.37 -14.56
CA PHE A 1031 24.63 -9.67 -14.64
C PHE A 1031 24.27 -11.05 -14.07
N TYR A 1032 25.19 -12.02 -14.15
CA TYR A 1032 24.97 -13.33 -13.57
C TYR A 1032 25.04 -13.37 -12.04
N GLU A 1033 25.73 -12.42 -11.39
CA GLU A 1033 25.94 -12.49 -9.94
C GLU A 1033 24.67 -12.21 -9.13
N ALA A 1034 24.47 -12.98 -8.05
CA ALA A 1034 23.45 -12.65 -7.05
C ALA A 1034 23.83 -13.19 -5.67
N SER A 1035 23.41 -12.45 -4.62
CA SER A 1035 23.58 -12.85 -3.23
C SER A 1035 22.31 -13.51 -2.69
N ILE A 1036 22.41 -14.75 -2.22
CA ILE A 1036 21.30 -15.40 -1.53
C ILE A 1036 21.36 -15.04 -0.05
N ILE A 1037 20.23 -14.56 0.50
CA ILE A 1037 20.03 -14.41 1.93
C ILE A 1037 18.90 -15.34 2.38
N LEU A 1038 19.13 -16.09 3.46
CA LEU A 1038 18.21 -17.10 3.94
C LEU A 1038 17.26 -16.48 4.96
N ILE A 1039 15.95 -16.57 4.67
CA ILE A 1039 14.90 -15.97 5.47
C ILE A 1039 14.06 -17.09 6.07
N PRO A 1040 13.81 -17.11 7.39
CA PRO A 1040 13.02 -18.19 7.98
C PRO A 1040 11.56 -18.10 7.57
N LYS A 1041 10.97 -19.24 7.19
CA LYS A 1041 9.55 -19.28 6.89
C LYS A 1041 8.73 -19.26 8.18
N PRO A 1042 7.64 -18.46 8.23
CA PRO A 1042 6.87 -18.32 9.47
C PRO A 1042 6.21 -19.61 9.93
N GLY A 1043 6.37 -19.91 11.23
CA GLY A 1043 5.67 -21.02 11.87
C GLY A 1043 6.27 -22.39 11.58
N ARG A 1044 7.59 -22.45 11.33
CA ARG A 1044 8.28 -23.71 11.09
C ARG A 1044 9.60 -23.68 11.87
N ASP A 1045 10.15 -24.88 12.15
CA ASP A 1045 11.43 -24.97 12.83
C ASP A 1045 12.51 -24.20 12.09
N THR A 1046 13.19 -23.30 12.80
CA THR A 1046 14.38 -22.63 12.26
C THR A 1046 15.59 -23.56 12.22
N THR A 1047 15.67 -24.53 13.14
CA THR A 1047 16.81 -25.43 13.22
C THR A 1047 16.90 -26.38 12.02
N LYS A 1048 15.76 -26.71 11.40
CA LYS A 1048 15.75 -27.44 10.13
C LYS A 1048 16.17 -26.53 8.97
N LYS A 1049 17.27 -26.90 8.29
CA LYS A 1049 17.75 -26.14 7.13
C LYS A 1049 16.71 -26.13 6.01
N GLU A 1050 15.85 -27.15 6.01
CA GLU A 1050 14.72 -27.34 5.09
C GLU A 1050 13.70 -26.19 5.09
N ASN A 1051 13.69 -25.33 6.13
CA ASN A 1051 12.61 -24.37 6.33
C ASN A 1051 13.02 -22.92 6.13
N PHE A 1052 13.94 -22.64 5.19
CA PHE A 1052 14.31 -21.27 4.86
C PHE A 1052 13.93 -20.93 3.43
N ARG A 1053 13.61 -19.66 3.19
CA ARG A 1053 13.32 -19.16 1.86
C ARG A 1053 14.57 -18.45 1.32
N PRO A 1054 15.18 -18.93 0.23
CA PRO A 1054 16.31 -18.24 -0.36
C PRO A 1054 15.88 -17.10 -1.27
N ILE A 1055 16.06 -15.86 -0.81
CA ILE A 1055 15.82 -14.69 -1.65
C ILE A 1055 17.15 -14.21 -2.21
N SER A 1056 17.11 -13.69 -3.43
CA SER A 1056 18.30 -13.33 -4.17
C SER A 1056 18.37 -11.82 -4.40
N LEU A 1057 19.52 -11.22 -4.08
CA LEU A 1057 19.80 -9.83 -4.40
C LEU A 1057 20.57 -9.75 -5.71
N MET A 1058 20.07 -8.94 -6.65
CA MET A 1058 20.63 -8.81 -7.97
C MET A 1058 21.09 -7.37 -8.20
N ASN A 1059 22.06 -7.19 -9.09
CA ASN A 1059 22.49 -5.85 -9.47
C ASN A 1059 21.35 -5.09 -10.15
N ILE A 1060 21.27 -3.78 -9.88
CA ILE A 1060 20.21 -2.93 -10.38
C ILE A 1060 20.22 -2.79 -11.91
N ASP A 1061 21.39 -2.82 -12.55
CA ASP A 1061 21.45 -2.83 -14.00
C ASP A 1061 20.82 -4.11 -14.59
N ALA A 1062 20.98 -5.24 -13.92
CA ALA A 1062 20.37 -6.49 -14.38
C ALA A 1062 18.85 -6.49 -14.20
N LYS A 1063 18.36 -5.90 -13.11
CA LYS A 1063 16.92 -5.72 -12.92
C LYS A 1063 16.28 -4.72 -13.90
N ILE A 1064 17.01 -3.69 -14.31
CA ILE A 1064 16.52 -2.79 -15.35
C ILE A 1064 16.26 -3.54 -16.67
N LEU A 1065 17.18 -4.42 -17.08
CA LEU A 1065 16.94 -5.26 -18.24
C LEU A 1065 15.74 -6.21 -18.03
N ASN A 1066 15.70 -6.90 -16.89
CA ASN A 1066 14.63 -7.86 -16.65
C ASN A 1066 13.26 -7.19 -16.53
N LYS A 1067 13.20 -5.97 -16.02
CA LYS A 1067 11.96 -5.22 -15.98
C LYS A 1067 11.45 -4.86 -17.37
N ILE A 1068 12.35 -4.49 -18.30
CA ILE A 1068 11.97 -4.27 -19.70
C ILE A 1068 11.27 -5.50 -20.28
N LEU A 1069 11.87 -6.67 -20.11
CA LEU A 1069 11.33 -7.89 -20.70
C LEU A 1069 9.97 -8.28 -20.09
N ALA A 1070 9.81 -8.10 -18.78
CA ALA A 1070 8.56 -8.45 -18.12
C ALA A 1070 7.40 -7.53 -18.52
N ASN A 1071 7.67 -6.22 -18.66
CA ASN A 1071 6.65 -5.30 -19.14
C ASN A 1071 6.14 -5.64 -20.54
N ARG A 1072 7.03 -6.07 -21.43
CA ARG A 1072 6.62 -6.43 -22.78
C ARG A 1072 5.71 -7.67 -22.82
N ILE A 1073 6.08 -8.74 -22.11
CA ILE A 1073 5.25 -9.92 -22.13
C ILE A 1073 3.91 -9.68 -21.42
N GLN A 1074 3.89 -8.83 -20.40
CA GLN A 1074 2.68 -8.56 -19.63
C GLN A 1074 1.55 -7.99 -20.47
N GLN A 1075 1.86 -7.22 -21.52
CA GLN A 1075 0.84 -6.71 -22.43
C GLN A 1075 0.00 -7.82 -23.08
N HIS A 1076 0.66 -8.88 -23.57
CA HIS A 1076 0.04 -10.05 -24.18
C HIS A 1076 -0.57 -11.07 -23.20
N ILE A 1077 -0.24 -11.00 -21.90
CA ILE A 1077 -0.43 -12.13 -21.00
C ILE A 1077 -1.88 -12.68 -20.97
N LYS A 1078 -2.87 -11.81 -21.15
CA LYS A 1078 -4.27 -12.24 -21.15
C LYS A 1078 -4.66 -13.11 -22.35
N LYS A 1079 -3.97 -12.97 -23.48
CA LYS A 1079 -4.07 -13.97 -24.53
C LYS A 1079 -3.52 -15.33 -24.09
N LEU A 1080 -2.35 -15.33 -23.43
CA LEU A 1080 -1.71 -16.60 -23.06
C LEU A 1080 -2.40 -17.29 -21.89
N ILE A 1081 -2.85 -16.53 -20.87
CA ILE A 1081 -3.31 -17.12 -19.62
C ILE A 1081 -4.83 -17.01 -19.55
N HIS A 1082 -5.49 -18.16 -19.33
CA HIS A 1082 -6.93 -18.21 -19.10
C HIS A 1082 -7.30 -17.49 -17.80
N HIS A 1083 -8.56 -17.07 -17.69
CA HIS A 1083 -9.04 -16.34 -16.52
C HIS A 1083 -9.30 -17.22 -15.29
N ASP A 1084 -9.06 -18.53 -15.35
CA ASP A 1084 -8.98 -19.32 -14.12
C ASP A 1084 -7.81 -18.93 -13.22
N GLN A 1085 -6.75 -18.34 -13.79
CA GLN A 1085 -5.59 -17.86 -13.05
C GLN A 1085 -5.75 -16.39 -12.74
N VAL A 1086 -5.73 -16.03 -11.45
CA VAL A 1086 -5.78 -14.62 -11.05
C VAL A 1086 -4.49 -14.11 -10.38
N GLY A 1087 -3.52 -14.99 -10.08
CA GLY A 1087 -2.33 -14.55 -9.35
C GLY A 1087 -1.27 -13.94 -10.25
N PHE A 1088 -0.72 -12.79 -9.82
CA PHE A 1088 0.25 -11.97 -10.54
C PHE A 1088 -0.33 -11.23 -11.76
N ILE A 1089 -1.62 -11.40 -12.07
CA ILE A 1089 -2.18 -10.89 -13.32
C ILE A 1089 -2.74 -9.49 -13.09
N PRO A 1090 -2.44 -8.52 -13.98
CA PRO A 1090 -3.03 -7.20 -13.85
C PRO A 1090 -4.56 -7.17 -13.95
N GLY A 1091 -5.20 -6.44 -13.03
CA GLY A 1091 -6.63 -6.21 -13.07
C GLY A 1091 -7.50 -7.33 -12.49
N MET A 1092 -6.93 -8.47 -12.13
CA MET A 1092 -7.73 -9.52 -11.51
C MET A 1092 -7.78 -9.31 -9.99
N GLN A 1093 -8.70 -10.02 -9.33
CA GLN A 1093 -8.86 -9.94 -7.89
C GLN A 1093 -8.84 -11.34 -7.29
N GLY A 1094 -8.18 -11.50 -6.15
CA GLY A 1094 -8.19 -12.76 -5.42
C GLY A 1094 -9.58 -13.20 -4.96
N TRP A 1095 -10.44 -12.24 -4.58
CA TRP A 1095 -11.80 -12.53 -4.16
C TRP A 1095 -12.64 -13.23 -5.25
N PHE A 1096 -12.30 -13.05 -6.53
CA PHE A 1096 -12.97 -13.82 -7.59
C PHE A 1096 -12.96 -15.32 -7.35
N ASN A 1097 -11.81 -15.88 -6.97
CA ASN A 1097 -11.70 -17.31 -6.70
C ASN A 1097 -12.43 -17.71 -5.42
N ILE A 1098 -12.44 -16.85 -4.40
CA ILE A 1098 -13.09 -17.15 -3.14
C ILE A 1098 -14.60 -17.28 -3.34
N ARG A 1099 -15.23 -16.32 -4.00
CA ARG A 1099 -16.67 -16.38 -4.23
C ARG A 1099 -17.10 -17.51 -5.17
N LYS A 1100 -16.36 -17.74 -6.25
CA LYS A 1100 -16.61 -18.91 -7.08
C LYS A 1100 -16.57 -20.22 -6.28
N SER A 1101 -15.59 -20.37 -5.40
CA SER A 1101 -15.46 -21.61 -4.63
C SER A 1101 -16.60 -21.79 -3.64
N ILE A 1102 -17.01 -20.71 -2.97
CA ILE A 1102 -18.14 -20.76 -2.06
C ILE A 1102 -19.45 -21.14 -2.79
N ASN A 1103 -19.65 -20.59 -3.98
CA ASN A 1103 -20.79 -20.97 -4.82
C ASN A 1103 -20.81 -22.47 -5.15
N VAL A 1104 -19.69 -23.03 -5.60
CA VAL A 1104 -19.58 -24.46 -5.83
C VAL A 1104 -19.93 -25.28 -4.59
N ILE A 1105 -19.47 -24.88 -3.41
CA ILE A 1105 -19.72 -25.65 -2.20
C ILE A 1105 -21.21 -25.67 -1.86
N GLN A 1106 -21.90 -24.55 -2.09
CA GLN A 1106 -23.34 -24.50 -1.88
C GLN A 1106 -24.11 -25.40 -2.86
N HIS A 1107 -23.71 -25.43 -4.13
CA HIS A 1107 -24.27 -26.38 -5.08
C HIS A 1107 -24.17 -27.84 -4.61
N ILE A 1108 -23.05 -28.23 -4.02
CA ILE A 1108 -22.91 -29.58 -3.52
C ILE A 1108 -23.80 -29.80 -2.28
N ASN A 1109 -23.91 -28.78 -1.43
CA ASN A 1109 -24.78 -28.89 -0.25
C ASN A 1109 -26.24 -29.09 -0.62
N ARG A 1110 -26.71 -28.38 -1.65
CA ARG A 1110 -28.09 -28.51 -2.11
C ARG A 1110 -28.36 -29.83 -2.85
N ALA A 1111 -27.39 -30.31 -3.64
CA ALA A 1111 -27.61 -31.45 -4.53
C ALA A 1111 -28.14 -32.68 -3.79
N LYS A 1112 -29.06 -33.40 -4.43
CA LYS A 1112 -29.68 -34.58 -3.84
C LYS A 1112 -28.70 -35.74 -3.77
N ASP A 1113 -28.08 -36.06 -4.91
CA ASP A 1113 -27.08 -37.11 -5.00
C ASP A 1113 -25.70 -36.49 -4.88
N LYS A 1114 -25.01 -36.81 -3.78
CA LYS A 1114 -23.68 -36.27 -3.52
C LYS A 1114 -22.64 -37.31 -3.94
N ASN A 1115 -21.85 -36.96 -4.95
CA ASN A 1115 -20.64 -37.68 -5.31
C ASN A 1115 -19.65 -36.69 -5.90
N HIS A 1116 -18.81 -36.10 -5.06
CA HIS A 1116 -18.09 -34.86 -5.37
C HIS A 1116 -16.87 -34.74 -4.48
N MET A 1117 -15.88 -33.98 -4.93
CA MET A 1117 -14.67 -33.74 -4.16
C MET A 1117 -14.07 -32.39 -4.53
N ILE A 1118 -13.49 -31.70 -3.53
CA ILE A 1118 -12.81 -30.42 -3.72
C ILE A 1118 -11.41 -30.51 -3.13
N ILE A 1119 -10.37 -30.25 -3.95
CA ILE A 1119 -8.98 -30.52 -3.60
C ILE A 1119 -8.18 -29.22 -3.63
N SER A 1120 -7.45 -28.95 -2.54
CA SER A 1120 -6.48 -27.84 -2.49
C SER A 1120 -5.05 -28.36 -2.63
N ILE A 1121 -4.32 -27.86 -3.63
CA ILE A 1121 -2.98 -28.33 -3.98
C ILE A 1121 -2.01 -27.16 -4.02
N ASP A 1122 -0.81 -27.34 -3.44
CA ASP A 1122 0.29 -26.38 -3.61
C ASP A 1122 1.53 -27.08 -4.18
N ALA A 1123 2.26 -26.37 -5.03
CA ALA A 1123 3.60 -26.77 -5.45
C ALA A 1123 4.63 -26.61 -4.32
N GLU A 1124 5.47 -27.65 -4.16
CA GLU A 1124 6.66 -27.59 -3.31
C GLU A 1124 7.81 -26.84 -4.00
N LYS A 1125 8.34 -25.81 -3.32
CA LYS A 1125 9.45 -24.98 -3.81
C LYS A 1125 9.27 -24.57 -5.27
N ALA A 1126 8.10 -24.04 -5.60
CA ALA A 1126 7.63 -23.92 -6.97
C ALA A 1126 8.61 -23.20 -7.91
N PHE A 1127 9.17 -22.07 -7.46
CA PHE A 1127 10.10 -21.33 -8.31
C PHE A 1127 11.45 -22.02 -8.48
N ASP A 1128 11.91 -22.76 -7.47
CA ASP A 1128 13.22 -23.39 -7.51
C ASP A 1128 13.29 -24.64 -8.38
N LYS A 1129 12.21 -25.43 -8.45
CA LYS A 1129 12.17 -26.68 -9.21
C LYS A 1129 11.83 -26.55 -10.70
N ILE A 1130 11.62 -25.36 -11.24
CA ILE A 1130 11.34 -25.23 -12.67
C ILE A 1130 12.55 -25.66 -13.51
N GLN A 1131 12.33 -26.64 -14.39
CA GLN A 1131 13.34 -27.03 -15.36
C GLN A 1131 13.45 -26.00 -16.49
N GLN A 1132 14.64 -25.44 -16.67
CA GLN A 1132 14.90 -24.38 -17.65
C GLN A 1132 14.80 -24.83 -19.12
N PRO A 1133 15.24 -26.05 -19.53
CA PRO A 1133 15.00 -26.47 -20.90
C PRO A 1133 13.53 -26.58 -21.30
N PHE A 1134 12.69 -27.08 -20.38
CA PHE A 1134 11.26 -27.17 -20.63
C PHE A 1134 10.62 -25.79 -20.79
N MET A 1135 11.05 -24.84 -19.96
CA MET A 1135 10.57 -23.47 -20.02
C MET A 1135 10.90 -22.81 -21.36
N LEU A 1136 12.12 -22.99 -21.88
CA LEU A 1136 12.46 -22.41 -23.17
C LEU A 1136 11.73 -23.10 -24.34
N LYS A 1137 11.45 -24.40 -24.22
CA LYS A 1137 10.65 -25.08 -25.22
C LYS A 1137 9.21 -24.57 -25.24
N THR A 1138 8.60 -24.39 -24.07
CA THR A 1138 7.27 -23.80 -23.95
C THR A 1138 7.19 -22.42 -24.61
N LEU A 1139 8.17 -21.55 -24.40
CA LEU A 1139 8.17 -20.26 -25.08
C LEU A 1139 8.17 -20.39 -26.61
N ASN A 1140 8.94 -21.32 -27.16
CA ASN A 1140 8.90 -21.56 -28.60
C ASN A 1140 7.55 -22.12 -29.05
N LYS A 1141 6.94 -22.97 -28.25
CA LYS A 1141 5.66 -23.56 -28.62
C LYS A 1141 4.53 -22.53 -28.67
N LEU A 1142 4.57 -21.51 -27.81
CA LEU A 1142 3.66 -20.38 -27.93
C LEU A 1142 3.98 -19.46 -29.10
N GLY A 1143 5.11 -19.66 -29.78
CA GLY A 1143 5.49 -18.83 -30.92
C GLY A 1143 6.43 -17.67 -30.60
N ILE A 1144 6.96 -17.59 -29.37
CA ILE A 1144 7.93 -16.57 -29.03
C ILE A 1144 9.30 -17.00 -29.54
N ASP A 1145 9.88 -16.18 -30.43
CA ASP A 1145 11.21 -16.41 -30.98
C ASP A 1145 11.76 -15.07 -31.43
N GLY A 1146 13.02 -15.08 -31.89
CA GLY A 1146 13.70 -13.85 -32.27
C GLY A 1146 14.46 -13.24 -31.10
N THR A 1147 14.77 -11.95 -31.20
CA THR A 1147 15.65 -11.28 -30.26
C THR A 1147 15.12 -11.37 -28.81
N TYR A 1148 13.80 -11.43 -28.63
CA TYR A 1148 13.25 -11.60 -27.30
C TYR A 1148 13.63 -12.96 -26.71
N PHE A 1149 13.46 -14.04 -27.49
CA PHE A 1149 13.79 -15.37 -27.02
C PHE A 1149 15.29 -15.55 -26.84
N LYS A 1150 16.08 -14.86 -27.66
CA LYS A 1150 17.53 -14.88 -27.59
C LYS A 1150 18.05 -14.28 -26.28
N ILE A 1151 17.49 -13.15 -25.85
CA ILE A 1151 17.88 -12.53 -24.58
C ILE A 1151 17.41 -13.35 -23.38
N ILE A 1152 16.23 -13.96 -23.42
CA ILE A 1152 15.82 -14.83 -22.34
C ILE A 1152 16.75 -16.04 -22.22
N ARG A 1153 17.15 -16.62 -23.34
CA ARG A 1153 18.05 -17.75 -23.31
C ARG A 1153 19.42 -17.39 -22.72
N ALA A 1154 19.92 -16.20 -23.05
CA ALA A 1154 21.16 -15.70 -22.47
C ALA A 1154 21.06 -15.51 -20.96
N ILE A 1155 19.90 -15.09 -20.45
CA ILE A 1155 19.75 -14.88 -19.01
C ILE A 1155 19.86 -16.18 -18.22
N TYR A 1156 19.39 -17.29 -18.76
CA TYR A 1156 19.43 -18.57 -18.06
C TYR A 1156 20.66 -19.40 -18.42
N ASP A 1157 21.64 -18.81 -19.11
CA ASP A 1157 22.78 -19.54 -19.64
C ASP A 1157 23.73 -20.00 -18.53
N LYS A 1158 24.29 -19.05 -17.75
CA LYS A 1158 25.01 -19.38 -16.52
C LYS A 1158 24.77 -18.38 -15.39
N PRO A 1159 23.62 -18.45 -14.70
CA PRO A 1159 23.48 -17.78 -13.42
C PRO A 1159 24.22 -18.51 -12.29
N THR A 1160 24.80 -17.75 -11.36
CA THR A 1160 25.41 -18.28 -10.14
C THR A 1160 24.88 -17.52 -8.93
N ALA A 1161 25.00 -18.13 -7.74
CA ALA A 1161 24.74 -17.44 -6.48
C ALA A 1161 25.90 -17.60 -5.49
N ASN A 1162 26.14 -16.53 -4.71
CA ASN A 1162 26.87 -16.60 -3.45
C ASN A 1162 25.88 -16.54 -2.28
N ILE A 1163 26.12 -17.35 -1.23
CA ILE A 1163 25.32 -17.31 -0.02
C ILE A 1163 26.05 -16.45 1.01
N ILE A 1164 25.29 -15.62 1.75
CA ILE A 1164 25.84 -14.75 2.76
C ILE A 1164 25.28 -15.19 4.11
N LEU A 1165 26.06 -15.98 4.84
CA LEU A 1165 25.65 -16.58 6.11
C LEU A 1165 26.41 -15.93 7.26
N ASN A 1166 25.68 -15.49 8.29
CA ASN A 1166 26.24 -14.81 9.45
C ASN A 1166 27.17 -13.66 9.04
N GLY A 1167 26.82 -12.97 7.94
CA GLY A 1167 27.61 -11.87 7.43
C GLY A 1167 28.88 -12.28 6.68
N GLN A 1168 29.03 -13.56 6.36
CA GLN A 1168 30.24 -14.09 5.73
C GLN A 1168 29.87 -14.71 4.40
N LYS A 1169 30.61 -14.36 3.34
CA LYS A 1169 30.23 -14.66 1.97
C LYS A 1169 30.90 -15.95 1.51
N LEU A 1170 30.09 -17.00 1.32
CA LEU A 1170 30.57 -18.31 0.90
C LEU A 1170 30.90 -18.34 -0.59
N GLU A 1171 31.60 -19.40 -0.99
CA GLU A 1171 31.95 -19.66 -2.39
C GLU A 1171 30.69 -20.02 -3.19
N ALA A 1172 30.74 -19.73 -4.50
CA ALA A 1172 29.54 -19.69 -5.33
C ALA A 1172 29.34 -21.00 -6.10
N PHE A 1173 28.05 -21.31 -6.36
CA PHE A 1173 27.60 -22.49 -7.09
C PHE A 1173 26.73 -22.08 -8.28
N PRO A 1174 26.67 -22.91 -9.34
CA PRO A 1174 25.78 -22.64 -10.46
C PRO A 1174 24.32 -22.92 -10.15
N LEU A 1175 23.43 -22.14 -10.77
CA LEU A 1175 22.00 -22.39 -10.72
C LEU A 1175 21.57 -23.11 -12.00
N LYS A 1176 21.48 -24.44 -11.94
CA LYS A 1176 21.10 -25.25 -13.10
C LYS A 1176 19.60 -25.47 -13.21
N THR A 1177 18.81 -25.14 -12.18
CA THR A 1177 17.37 -25.26 -12.21
C THR A 1177 16.75 -24.01 -11.59
N GLY A 1178 15.46 -23.82 -11.87
CA GLY A 1178 14.68 -22.78 -11.23
C GLY A 1178 14.81 -21.41 -11.89
N THR A 1179 13.93 -20.51 -11.44
CA THR A 1179 14.01 -19.08 -11.69
C THR A 1179 14.33 -18.38 -10.38
N ARG A 1180 15.05 -17.25 -10.46
CA ARG A 1180 15.41 -16.55 -9.23
C ARG A 1180 14.20 -15.90 -8.58
N GLN A 1181 14.11 -16.08 -7.27
CA GLN A 1181 13.00 -15.63 -6.44
C GLN A 1181 13.44 -14.30 -5.82
N GLY A 1182 13.03 -13.21 -6.46
CA GLY A 1182 13.70 -11.93 -6.31
C GLY A 1182 13.90 -11.20 -7.64
N CYS A 1183 13.56 -11.86 -8.76
CA CYS A 1183 13.64 -11.30 -10.10
C CYS A 1183 12.25 -10.86 -10.59
N PRO A 1184 12.15 -9.71 -11.29
CA PRO A 1184 10.86 -9.29 -11.85
C PRO A 1184 10.27 -10.20 -12.92
N LEU A 1185 11.12 -10.93 -13.64
CA LEU A 1185 10.64 -11.76 -14.77
C LEU A 1185 10.16 -13.14 -14.33
N SER A 1186 10.52 -13.57 -13.12
CA SER A 1186 10.23 -14.90 -12.64
C SER A 1186 8.74 -15.21 -12.44
N PRO A 1187 7.87 -14.30 -11.94
CA PRO A 1187 6.46 -14.64 -11.77
C PRO A 1187 5.70 -14.96 -13.05
N LEU A 1188 5.90 -14.19 -14.12
CA LEU A 1188 5.24 -14.45 -15.38
C LEU A 1188 5.73 -15.72 -16.06
N LEU A 1189 7.04 -15.94 -16.11
CA LEU A 1189 7.59 -17.20 -16.62
C LEU A 1189 7.04 -18.41 -15.88
N PHE A 1190 6.90 -18.33 -14.56
CA PHE A 1190 6.32 -19.45 -13.82
C PHE A 1190 4.87 -19.70 -14.25
N ASN A 1191 4.08 -18.62 -14.41
CA ASN A 1191 2.69 -18.77 -14.81
C ASN A 1191 2.52 -19.40 -16.18
N ILE A 1192 3.34 -18.99 -17.15
CA ILE A 1192 3.31 -19.57 -18.49
C ILE A 1192 3.65 -21.06 -18.49
N VAL A 1193 4.55 -21.50 -17.64
CA VAL A 1193 4.79 -22.94 -17.50
C VAL A 1193 3.62 -23.65 -16.83
N LEU A 1194 3.03 -23.06 -15.80
CA LEU A 1194 1.90 -23.69 -15.12
C LEU A 1194 0.66 -23.74 -16.01
N GLU A 1195 0.49 -22.76 -16.90
CA GLU A 1195 -0.61 -22.73 -17.86
C GLU A 1195 -0.65 -23.96 -18.77
N VAL A 1196 0.50 -24.54 -19.12
CA VAL A 1196 0.52 -25.79 -19.85
C VAL A 1196 -0.21 -26.91 -19.11
N LEU A 1197 0.02 -27.06 -17.80
CA LEU A 1197 -0.72 -28.07 -17.05
C LEU A 1197 -2.20 -27.73 -16.93
N ALA A 1198 -2.54 -26.45 -16.74
CA ALA A 1198 -3.94 -26.06 -16.59
C ALA A 1198 -4.76 -26.34 -17.86
N ARG A 1199 -4.23 -25.96 -19.02
CA ARG A 1199 -4.85 -26.29 -20.30
C ARG A 1199 -5.00 -27.80 -20.53
N ALA A 1200 -4.03 -28.61 -20.08
CA ALA A 1200 -4.15 -30.05 -20.16
C ALA A 1200 -5.29 -30.58 -19.29
N ILE A 1201 -5.48 -30.06 -18.08
CA ILE A 1201 -6.53 -30.57 -17.22
C ILE A 1201 -7.91 -30.23 -17.78
N ARG A 1202 -8.07 -29.03 -18.33
CA ARG A 1202 -9.35 -28.62 -18.90
C ARG A 1202 -9.73 -29.44 -20.13
N GLN A 1203 -8.77 -29.63 -21.04
CA GLN A 1203 -8.97 -30.46 -22.23
C GLN A 1203 -9.35 -31.91 -21.94
N GLU A 1204 -8.99 -32.49 -20.80
CA GLU A 1204 -9.08 -33.94 -20.65
C GLU A 1204 -10.40 -34.30 -19.96
N LYS A 1205 -11.29 -34.91 -20.76
CA LYS A 1205 -12.71 -35.08 -20.44
C LYS A 1205 -12.99 -36.28 -19.53
N GLU A 1206 -11.99 -37.12 -19.24
CA GLU A 1206 -12.14 -38.18 -18.25
C GLU A 1206 -11.86 -37.72 -16.82
N ILE A 1207 -11.41 -36.47 -16.66
CA ILE A 1207 -11.44 -35.77 -15.39
C ILE A 1207 -12.69 -34.91 -15.44
N LYS A 1208 -13.68 -35.19 -14.59
CA LYS A 1208 -15.00 -34.59 -14.76
C LYS A 1208 -15.19 -33.41 -13.81
N GLY A 1209 -15.43 -32.24 -14.40
CA GLY A 1209 -15.76 -31.05 -13.65
C GLY A 1209 -17.17 -31.12 -13.05
N ILE A 1210 -17.52 -30.07 -12.32
CA ILE A 1210 -18.85 -29.91 -11.76
C ILE A 1210 -19.63 -28.97 -12.66
N GLN A 1211 -20.91 -29.32 -12.90
CA GLN A 1211 -21.78 -28.59 -13.79
C GLN A 1211 -22.71 -27.68 -12.98
N LEU A 1212 -22.69 -26.38 -13.27
CA LEU A 1212 -23.52 -25.39 -12.60
C LEU A 1212 -24.40 -24.71 -13.64
N GLY A 1213 -25.62 -25.22 -13.83
CA GLY A 1213 -26.42 -24.84 -14.98
C GLY A 1213 -25.64 -25.01 -16.28
N LYS A 1214 -25.38 -23.90 -16.97
CA LYS A 1214 -24.64 -23.91 -18.22
C LYS A 1214 -23.12 -23.81 -18.02
N GLU A 1215 -22.65 -23.51 -16.81
CA GLU A 1215 -21.23 -23.40 -16.52
C GLU A 1215 -20.65 -24.76 -16.07
N GLU A 1216 -19.45 -25.09 -16.59
CA GLU A 1216 -18.61 -26.12 -16.02
C GLU A 1216 -17.41 -25.46 -15.33
N VAL A 1217 -17.10 -25.89 -14.09
CA VAL A 1217 -15.96 -25.42 -13.34
C VAL A 1217 -15.06 -26.60 -13.00
N LYS A 1218 -13.86 -26.64 -13.60
CA LYS A 1218 -12.76 -27.49 -13.13
C LYS A 1218 -11.80 -26.82 -12.13
N LEU A 1219 -11.24 -25.65 -12.47
CA LEU A 1219 -10.05 -25.12 -11.81
C LEU A 1219 -10.21 -23.68 -11.33
N SER A 1220 -9.52 -23.35 -10.23
CA SER A 1220 -9.08 -21.99 -9.93
C SER A 1220 -7.61 -21.99 -9.53
N LEU A 1221 -6.84 -21.02 -10.04
CA LEU A 1221 -5.43 -20.88 -9.72
C LEU A 1221 -5.15 -19.51 -9.10
N PHE A 1222 -4.17 -19.47 -8.19
CA PHE A 1222 -3.59 -18.23 -7.72
C PHE A 1222 -2.09 -18.46 -7.54
N ALA A 1223 -1.29 -17.99 -8.50
CA ALA A 1223 0.12 -18.36 -8.60
C ALA A 1223 0.30 -19.88 -8.63
N ASP A 1224 1.05 -20.44 -7.69
CA ASP A 1224 1.27 -21.86 -7.56
C ASP A 1224 0.14 -22.56 -6.79
N ASP A 1225 -0.84 -21.81 -6.29
CA ASP A 1225 -1.89 -22.34 -5.45
C ASP A 1225 -3.08 -22.77 -6.33
N MET A 1226 -3.52 -24.03 -6.17
CA MET A 1226 -4.50 -24.63 -7.07
C MET A 1226 -5.62 -25.26 -6.26
N ILE A 1227 -6.87 -24.99 -6.66
CA ILE A 1227 -8.05 -25.69 -6.15
C ILE A 1227 -8.81 -26.33 -7.31
N VAL A 1228 -9.25 -27.57 -7.11
CA VAL A 1228 -9.81 -28.41 -8.17
C VAL A 1228 -11.18 -28.95 -7.73
N TYR A 1229 -12.17 -28.86 -8.62
CA TYR A 1229 -13.55 -29.24 -8.33
C TYR A 1229 -13.90 -30.44 -9.19
N LEU A 1230 -14.22 -31.57 -8.57
CA LEU A 1230 -14.36 -32.83 -9.30
C LEU A 1230 -15.69 -33.52 -9.00
N GLU A 1231 -16.16 -34.29 -9.98
CA GLU A 1231 -17.33 -35.16 -9.84
C GLU A 1231 -16.95 -36.60 -10.17
N ASN A 1232 -17.60 -37.54 -9.49
CA ASN A 1232 -17.27 -38.96 -9.51
C ASN A 1232 -15.81 -39.20 -9.15
N PRO A 1233 -15.40 -38.89 -7.91
CA PRO A 1233 -13.98 -38.72 -7.60
C PRO A 1233 -13.09 -39.95 -7.80
N ILE A 1234 -13.61 -41.17 -7.61
CA ILE A 1234 -12.78 -42.37 -7.71
C ILE A 1234 -12.16 -42.51 -9.10
N VAL A 1235 -12.92 -42.23 -10.15
CA VAL A 1235 -12.36 -42.17 -11.50
C VAL A 1235 -11.63 -40.85 -11.74
N SER A 1236 -12.26 -39.72 -11.43
CA SER A 1236 -11.70 -38.41 -11.75
C SER A 1236 -10.38 -38.13 -11.02
N ALA A 1237 -10.27 -38.55 -9.76
CA ALA A 1237 -9.07 -38.23 -8.99
C ALA A 1237 -7.86 -39.05 -9.44
N GLN A 1238 -8.05 -40.34 -9.74
CA GLN A 1238 -6.97 -41.15 -10.28
C GLN A 1238 -6.43 -40.59 -11.60
N ASN A 1239 -7.31 -40.16 -12.50
CA ASN A 1239 -6.86 -39.61 -13.77
C ASN A 1239 -6.16 -38.28 -13.63
N LEU A 1240 -6.53 -37.46 -12.63
CA LEU A 1240 -5.81 -36.22 -12.37
C LEU A 1240 -4.38 -36.47 -11.91
N LEU A 1241 -4.20 -37.41 -10.97
CA LEU A 1241 -2.86 -37.77 -10.49
C LEU A 1241 -1.97 -38.29 -11.63
N LYS A 1242 -2.48 -39.17 -12.49
CA LYS A 1242 -1.70 -39.64 -13.64
C LYS A 1242 -1.22 -38.50 -14.52
N LEU A 1243 -2.07 -37.50 -14.77
CA LEU A 1243 -1.66 -36.38 -15.60
C LEU A 1243 -0.56 -35.55 -14.92
N ILE A 1244 -0.62 -35.38 -13.61
CA ILE A 1244 0.39 -34.61 -12.90
C ILE A 1244 1.73 -35.36 -12.86
N SER A 1245 1.70 -36.68 -12.69
CA SER A 1245 2.90 -37.50 -12.84
C SER A 1245 3.62 -37.27 -14.18
N ASN A 1246 2.87 -37.22 -15.27
CA ASN A 1246 3.46 -37.00 -16.58
C ASN A 1246 4.02 -35.60 -16.75
N PHE A 1247 3.32 -34.60 -16.21
CA PHE A 1247 3.82 -33.23 -16.20
C PHE A 1247 5.08 -33.09 -15.34
N SER A 1248 5.14 -33.79 -14.21
CA SER A 1248 6.33 -33.78 -13.35
C SER A 1248 7.58 -34.26 -14.09
N LYS A 1249 7.47 -35.39 -14.80
CA LYS A 1249 8.60 -35.95 -15.53
C LYS A 1249 9.24 -34.96 -16.52
N VAL A 1250 8.42 -34.23 -17.28
CA VAL A 1250 8.95 -33.20 -18.17
C VAL A 1250 9.25 -31.88 -17.46
N SER A 1251 8.32 -31.34 -16.68
CA SER A 1251 8.49 -29.99 -16.12
C SER A 1251 9.42 -29.94 -14.90
N GLY A 1252 9.46 -31.00 -14.09
CA GLY A 1252 10.02 -30.90 -12.74
C GLY A 1252 9.05 -30.50 -11.63
N TYR A 1253 7.84 -30.03 -11.97
CA TYR A 1253 6.86 -29.63 -10.97
C TYR A 1253 6.51 -30.78 -10.01
N LYS A 1254 6.36 -30.46 -8.73
CA LYS A 1254 6.04 -31.47 -7.71
C LYS A 1254 5.06 -30.91 -6.67
N ILE A 1255 4.08 -31.74 -6.28
CA ILE A 1255 2.98 -31.37 -5.39
C ILE A 1255 3.34 -31.63 -3.92
N ASN A 1256 2.97 -30.67 -3.05
CA ASN A 1256 3.48 -30.56 -1.70
C ASN A 1256 2.54 -31.34 -0.78
N VAL A 1257 3.00 -32.51 -0.34
CA VAL A 1257 2.16 -33.49 0.36
C VAL A 1257 1.70 -33.04 1.74
N GLN A 1258 2.43 -32.14 2.40
CA GLN A 1258 2.07 -31.71 3.74
C GLN A 1258 0.92 -30.71 3.73
N LYS A 1259 0.92 -29.79 2.76
CA LYS A 1259 -0.08 -28.74 2.62
C LYS A 1259 -1.43 -29.17 2.02
N SER A 1260 -1.55 -30.37 1.42
CA SER A 1260 -2.67 -30.68 0.53
C SER A 1260 -3.87 -31.30 1.27
N GLN A 1261 -5.07 -30.76 1.00
CA GLN A 1261 -6.29 -31.12 1.72
C GLN A 1261 -7.49 -31.23 0.77
N ALA A 1262 -8.49 -32.04 1.15
CA ALA A 1262 -9.71 -32.20 0.36
C ALA A 1262 -10.97 -32.26 1.22
N PHE A 1263 -12.09 -31.80 0.66
CA PHE A 1263 -13.44 -32.15 1.12
C PHE A 1263 -14.02 -33.26 0.23
N LEU A 1264 -14.53 -34.33 0.85
CA LEU A 1264 -15.10 -35.46 0.14
C LEU A 1264 -16.58 -35.62 0.52
N TYR A 1265 -17.45 -35.65 -0.50
CA TYR A 1265 -18.91 -35.79 -0.32
C TYR A 1265 -19.41 -37.09 -0.94
N THR A 1266 -19.99 -37.98 -0.10
CA THR A 1266 -20.54 -39.25 -0.57
C THR A 1266 -21.85 -39.53 0.17
N ASN A 1267 -22.64 -40.46 -0.39
CA ASN A 1267 -23.93 -40.82 0.19
C ASN A 1267 -23.82 -41.73 1.41
N ASN A 1268 -22.84 -42.65 1.43
CA ASN A 1268 -22.72 -43.64 2.50
C ASN A 1268 -21.32 -43.66 3.07
N ARG A 1269 -21.19 -44.08 4.33
CA ARG A 1269 -19.90 -44.22 4.99
C ARG A 1269 -19.02 -45.24 4.27
N GLN A 1270 -19.60 -46.33 3.76
CA GLN A 1270 -18.81 -47.34 3.05
C GLN A 1270 -18.09 -46.72 1.85
N THR A 1271 -18.78 -45.85 1.12
CA THR A 1271 -18.20 -45.23 -0.07
C THR A 1271 -17.07 -44.27 0.30
N GLU A 1272 -17.22 -43.54 1.40
CA GLU A 1272 -16.14 -42.70 1.91
C GLU A 1272 -14.93 -43.54 2.34
N SER A 1273 -15.18 -44.66 3.02
CA SER A 1273 -14.11 -45.53 3.49
C SER A 1273 -13.25 -46.05 2.34
N GLN A 1274 -13.90 -46.50 1.26
CA GLN A 1274 -13.19 -47.01 0.10
C GLN A 1274 -12.36 -45.93 -0.59
N ILE A 1275 -12.98 -44.78 -0.88
CA ILE A 1275 -12.30 -43.72 -1.62
C ILE A 1275 -11.12 -43.17 -0.81
N MET A 1276 -11.27 -43.05 0.51
CA MET A 1276 -10.16 -42.61 1.34
C MET A 1276 -8.96 -43.56 1.25
N GLY A 1277 -9.22 -44.86 1.15
CA GLY A 1277 -8.17 -45.85 1.00
C GLY A 1277 -7.38 -45.71 -0.30
N GLU A 1278 -8.04 -45.27 -1.37
CA GLU A 1278 -7.37 -45.07 -2.66
C GLU A 1278 -6.40 -43.89 -2.65
N LEU A 1279 -6.84 -42.70 -2.19
CA LEU A 1279 -6.18 -41.44 -2.54
C LEU A 1279 -5.19 -40.97 -1.49
N PRO A 1280 -4.17 -40.19 -1.90
CA PRO A 1280 -3.14 -39.73 -0.98
C PRO A 1280 -3.50 -38.54 -0.08
N PHE A 1281 -4.73 -38.02 -0.13
CA PHE A 1281 -5.03 -36.70 0.39
C PHE A 1281 -5.58 -36.78 1.81
N THR A 1282 -5.48 -35.65 2.52
CA THR A 1282 -5.92 -35.53 3.90
C THR A 1282 -7.31 -34.91 3.87
N ILE A 1283 -8.27 -35.58 4.50
CA ILE A 1283 -9.67 -35.19 4.43
C ILE A 1283 -10.00 -34.23 5.57
N ALA A 1284 -10.48 -33.04 5.23
CA ALA A 1284 -10.84 -32.01 6.20
C ALA A 1284 -12.31 -32.14 6.55
N SER A 1285 -12.62 -32.35 7.83
CA SER A 1285 -13.99 -32.45 8.29
C SER A 1285 -14.71 -31.09 8.33
N LYS A 1286 -14.13 -30.10 9.00
CA LYS A 1286 -14.76 -28.79 9.14
C LYS A 1286 -14.36 -27.77 8.06
N ARG A 1287 -13.06 -27.53 7.87
CA ARG A 1287 -12.64 -26.32 7.20
C ARG A 1287 -11.25 -26.48 6.58
N ILE A 1288 -11.02 -25.67 5.53
CA ILE A 1288 -9.74 -25.56 4.85
C ILE A 1288 -9.38 -24.09 4.77
N LYS A 1289 -8.19 -23.72 5.27
CA LYS A 1289 -7.70 -22.37 5.11
C LYS A 1289 -7.29 -22.15 3.66
N TYR A 1290 -7.75 -21.04 3.08
CA TYR A 1290 -7.62 -20.79 1.66
C TYR A 1290 -7.48 -19.30 1.43
N LEU A 1291 -6.33 -18.90 0.90
CA LEU A 1291 -6.11 -17.56 0.38
C LEU A 1291 -6.42 -16.46 1.40
N GLY A 1292 -6.25 -16.79 2.70
CA GLY A 1292 -6.48 -15.85 3.79
C GLY A 1292 -7.77 -16.06 4.57
N ILE A 1293 -8.67 -16.94 4.12
CA ILE A 1293 -9.98 -17.11 4.72
C ILE A 1293 -10.19 -18.59 5.00
N GLN A 1294 -11.25 -18.91 5.74
CA GLN A 1294 -11.64 -20.31 5.95
C GLN A 1294 -12.79 -20.67 5.02
N LEU A 1295 -12.57 -21.68 4.16
CA LEU A 1295 -13.66 -22.34 3.47
C LEU A 1295 -14.23 -23.43 4.37
N THR A 1296 -15.55 -23.50 4.44
CA THR A 1296 -16.22 -24.44 5.34
C THR A 1296 -16.98 -25.49 4.53
N ARG A 1297 -17.07 -26.69 5.09
CA ARG A 1297 -17.65 -27.81 4.34
C ARG A 1297 -19.15 -27.57 4.12
N ASP A 1298 -19.80 -26.82 5.02
CA ASP A 1298 -21.16 -26.34 4.83
C ASP A 1298 -21.13 -24.82 4.89
N VAL A 1299 -21.78 -24.16 3.93
CA VAL A 1299 -21.78 -22.70 3.85
C VAL A 1299 -22.49 -22.01 5.02
N LYS A 1300 -23.42 -22.67 5.71
CA LYS A 1300 -24.05 -22.07 6.89
C LYS A 1300 -23.05 -21.68 8.00
N ASP A 1301 -21.97 -22.45 8.14
CA ASP A 1301 -20.87 -22.19 9.07
C ASP A 1301 -20.06 -20.91 8.78
N LEU A 1302 -20.30 -20.24 7.65
CA LEU A 1302 -19.37 -19.26 7.12
C LEU A 1302 -19.16 -18.04 8.02
N PHE A 1303 -20.21 -17.55 8.70
CA PHE A 1303 -20.05 -16.45 9.64
C PHE A 1303 -19.22 -16.88 10.86
N LYS A 1304 -19.59 -18.02 11.45
CA LYS A 1304 -18.95 -18.51 12.66
C LYS A 1304 -17.44 -18.68 12.50
N GLU A 1305 -16.99 -19.30 11.40
CA GLU A 1305 -15.58 -19.52 11.18
C GLU A 1305 -14.79 -18.26 10.76
N ASN A 1306 -15.37 -17.38 9.94
CA ASN A 1306 -14.64 -16.18 9.54
C ASN A 1306 -14.80 -14.93 10.43
N TYR A 1307 -16.02 -14.47 10.68
CA TYR A 1307 -16.19 -13.17 11.36
C TYR A 1307 -16.07 -13.24 12.88
N LYS A 1308 -16.59 -14.28 13.54
CA LYS A 1308 -16.44 -14.35 14.98
C LYS A 1308 -14.98 -14.43 15.44
N PRO A 1309 -14.10 -15.25 14.82
CA PRO A 1309 -12.66 -15.13 15.08
C PRO A 1309 -12.07 -13.74 14.89
N LEU A 1310 -12.47 -13.02 13.84
CA LEU A 1310 -11.91 -11.69 13.57
C LEU A 1310 -12.22 -10.70 14.69
N LEU A 1311 -13.42 -10.79 15.28
CA LEU A 1311 -13.73 -9.94 16.43
C LEU A 1311 -12.81 -10.26 17.61
N LYS A 1312 -12.69 -11.54 17.95
CA LYS A 1312 -11.86 -11.99 19.06
C LYS A 1312 -10.40 -11.57 18.88
N GLU A 1313 -9.89 -11.64 17.65
CA GLU A 1313 -8.52 -11.26 17.35
C GLU A 1313 -8.28 -9.74 17.41
N ILE A 1314 -9.27 -8.92 17.06
CA ILE A 1314 -9.13 -7.48 17.20
C ILE A 1314 -9.15 -7.04 18.67
N LYS A 1315 -9.99 -7.70 19.48
CA LYS A 1315 -10.07 -7.40 20.90
C LYS A 1315 -8.77 -7.71 21.64
N GLU A 1316 -8.21 -8.90 21.44
CA GLU A 1316 -6.91 -9.23 22.00
C GLU A 1316 -5.82 -8.24 21.58
N GLU A 1317 -5.84 -7.84 20.31
CA GLU A 1317 -4.82 -6.95 19.77
C GLU A 1317 -4.88 -5.55 20.36
N THR A 1318 -6.07 -4.99 20.57
CA THR A 1318 -6.17 -3.68 21.22
C THR A 1318 -5.83 -3.75 22.70
N ASN A 1319 -6.13 -4.86 23.36
CA ASN A 1319 -5.81 -5.02 24.77
C ASN A 1319 -4.30 -5.00 25.00
N LYS A 1320 -3.55 -5.70 24.16
CA LYS A 1320 -2.08 -5.66 24.20
C LYS A 1320 -1.52 -4.24 24.10
N TRP A 1321 -2.05 -3.42 23.18
CA TRP A 1321 -1.59 -2.06 22.97
C TRP A 1321 -2.00 -1.04 24.03
N LYS A 1322 -2.81 -1.39 25.03
CA LYS A 1322 -3.55 -0.39 25.79
C LYS A 1322 -2.67 0.68 26.44
N ASN A 1323 -1.41 0.37 26.80
CA ASN A 1323 -0.53 1.35 27.43
C ASN A 1323 0.51 1.98 26.49
N ILE A 1324 0.40 1.82 25.17
CA ILE A 1324 1.36 2.46 24.27
C ILE A 1324 1.39 3.97 24.50
N PRO A 1325 2.58 4.62 24.45
CA PRO A 1325 2.72 6.06 24.70
C PRO A 1325 2.45 6.95 23.48
N CYS A 1326 1.20 6.97 23.02
CA CYS A 1326 0.77 7.97 22.06
C CYS A 1326 -0.61 8.50 22.43
N SER A 1327 -0.90 9.71 21.95
CA SER A 1327 -2.20 10.37 22.17
C SER A 1327 -3.31 9.72 21.35
N TRP A 1328 -4.53 10.15 21.63
CA TRP A 1328 -5.73 9.76 20.87
C TRP A 1328 -5.61 10.03 19.37
N VAL A 1329 -4.84 11.04 18.97
CA VAL A 1329 -4.59 11.27 17.55
C VAL A 1329 -3.82 10.11 16.94
N GLY A 1330 -2.77 9.65 17.62
CA GLY A 1330 -1.98 8.54 17.12
C GLY A 1330 -2.71 7.20 17.18
N ARG A 1331 -3.51 7.00 18.23
CA ARG A 1331 -4.30 5.79 18.37
C ARG A 1331 -5.38 5.64 17.29
N ILE A 1332 -5.99 6.75 16.86
CA ILE A 1332 -6.85 6.73 15.68
C ILE A 1332 -6.10 6.23 14.45
N ASN A 1333 -4.93 6.79 14.17
CA ASN A 1333 -4.11 6.33 13.05
C ASN A 1333 -3.64 4.89 13.16
N ILE A 1334 -3.42 4.37 14.38
CA ILE A 1334 -3.13 2.95 14.53
C ILE A 1334 -4.31 2.09 14.08
N VAL A 1335 -5.54 2.48 14.42
CA VAL A 1335 -6.71 1.72 14.00
C VAL A 1335 -6.85 1.71 12.47
N LYS A 1336 -6.64 2.85 11.83
CA LYS A 1336 -6.68 2.90 10.37
C LYS A 1336 -5.60 2.02 9.74
N MET A 1337 -4.35 2.18 10.18
CA MET A 1337 -3.23 1.47 9.60
C MET A 1337 -3.30 -0.04 9.84
N ALA A 1338 -3.58 -0.47 11.06
CA ALA A 1338 -3.49 -1.89 11.40
C ALA A 1338 -4.81 -2.67 11.29
N ILE A 1339 -5.91 -2.13 11.83
CA ILE A 1339 -7.18 -2.86 11.85
C ILE A 1339 -7.94 -2.76 10.53
N LEU A 1340 -8.06 -1.58 9.95
CA LEU A 1340 -8.95 -1.39 8.79
C LEU A 1340 -8.62 -2.28 7.58
N PRO A 1341 -7.35 -2.45 7.15
CA PRO A 1341 -7.08 -3.30 5.99
C PRO A 1341 -7.57 -4.74 6.06
N LYS A 1342 -7.39 -5.41 7.20
CA LYS A 1342 -7.88 -6.78 7.38
C LYS A 1342 -9.41 -6.85 7.48
N VAL A 1343 -10.07 -5.82 8.00
CA VAL A 1343 -11.52 -5.80 8.02
C VAL A 1343 -12.09 -5.69 6.60
N ILE A 1344 -11.53 -4.78 5.79
CA ILE A 1344 -11.95 -4.64 4.40
C ILE A 1344 -11.70 -5.93 3.61
N TYR A 1345 -10.60 -6.63 3.87
CA TYR A 1345 -10.31 -7.86 3.15
C TYR A 1345 -11.38 -8.92 3.36
N ARG A 1346 -11.84 -9.12 4.60
CA ARG A 1346 -12.90 -10.07 4.85
C ARG A 1346 -14.24 -9.63 4.24
N PHE A 1347 -14.56 -8.32 4.29
CA PHE A 1347 -15.77 -7.86 3.62
C PHE A 1347 -15.77 -8.21 2.13
N ASN A 1348 -14.64 -7.98 1.48
CA ASN A 1348 -14.55 -8.11 0.04
C ASN A 1348 -14.58 -9.57 -0.40
N ALA A 1349 -13.98 -10.46 0.40
CA ALA A 1349 -14.00 -11.90 0.12
C ALA A 1349 -15.37 -12.53 0.36
N ILE A 1350 -16.11 -12.11 1.39
CA ILE A 1350 -17.30 -12.82 1.83
C ILE A 1350 -18.43 -11.85 2.20
N PRO A 1351 -19.00 -11.09 1.24
CA PRO A 1351 -19.99 -10.06 1.55
C PRO A 1351 -21.38 -10.60 1.86
N ILE A 1352 -21.48 -11.37 2.95
CA ILE A 1352 -22.71 -11.99 3.43
C ILE A 1352 -23.37 -11.00 4.38
N LYS A 1353 -24.61 -11.28 4.78
CA LYS A 1353 -25.39 -10.34 5.57
C LYS A 1353 -25.05 -10.56 7.05
N LEU A 1354 -24.51 -9.50 7.67
CA LEU A 1354 -23.95 -9.48 9.02
C LEU A 1354 -24.91 -8.84 10.02
N PRO A 1355 -25.07 -9.44 11.21
CA PRO A 1355 -25.93 -8.84 12.23
C PRO A 1355 -25.35 -7.54 12.75
N MET A 1356 -26.22 -6.60 13.13
CA MET A 1356 -25.78 -5.30 13.61
C MET A 1356 -24.97 -5.35 14.90
N THR A 1357 -25.17 -6.38 15.72
CA THR A 1357 -24.32 -6.61 16.88
C THR A 1357 -22.84 -6.77 16.52
N PHE A 1358 -22.52 -7.26 15.32
CA PHE A 1358 -21.12 -7.28 14.88
C PHE A 1358 -20.54 -5.88 14.85
N PHE A 1359 -21.28 -4.92 14.29
CA PHE A 1359 -20.80 -3.55 14.21
C PHE A 1359 -20.76 -2.86 15.58
N THR A 1360 -21.70 -3.23 16.46
CA THR A 1360 -21.74 -2.66 17.80
C THR A 1360 -20.51 -3.08 18.61
N GLU A 1361 -20.19 -4.37 18.61
CA GLU A 1361 -19.00 -4.87 19.27
C GLU A 1361 -17.72 -4.27 18.69
N LEU A 1362 -17.62 -4.18 17.37
CA LEU A 1362 -16.44 -3.61 16.73
C LEU A 1362 -16.26 -2.13 17.03
N GLU A 1363 -17.34 -1.37 17.15
CA GLU A 1363 -17.24 0.06 17.44
C GLU A 1363 -16.85 0.34 18.88
N LYS A 1364 -17.45 -0.40 19.82
CA LYS A 1364 -17.13 -0.25 21.24
C LYS A 1364 -15.66 -0.56 21.51
N THR A 1365 -15.17 -1.71 21.03
CA THR A 1365 -13.76 -2.08 21.18
C THR A 1365 -12.82 -0.99 20.68
N THR A 1366 -13.06 -0.48 19.47
CA THR A 1366 -12.17 0.48 18.85
C THR A 1366 -12.15 1.83 19.58
N LEU A 1367 -13.31 2.31 20.06
CA LEU A 1367 -13.34 3.55 20.83
C LEU A 1367 -12.75 3.40 22.22
N LYS A 1368 -13.04 2.30 22.91
CA LYS A 1368 -12.44 2.02 24.21
C LYS A 1368 -10.91 2.07 24.16
N PHE A 1369 -10.31 1.63 23.06
CA PHE A 1369 -8.88 1.77 22.85
C PHE A 1369 -8.47 3.22 22.63
N ILE A 1370 -9.13 3.94 21.72
CA ILE A 1370 -8.76 5.31 21.39
C ILE A 1370 -8.87 6.26 22.59
N TRP A 1371 -9.89 6.11 23.43
CA TRP A 1371 -10.06 6.97 24.59
C TRP A 1371 -9.50 6.38 25.88
N ASN A 1372 -8.60 5.40 25.74
CA ASN A 1372 -7.80 4.89 26.85
C ASN A 1372 -8.65 4.44 28.04
N GLN A 1373 -9.80 3.82 27.75
CA GLN A 1373 -10.78 3.34 28.71
C GLN A 1373 -11.41 4.43 29.59
N LYS A 1374 -11.42 5.70 29.14
CA LYS A 1374 -12.15 6.76 29.81
C LYS A 1374 -13.12 7.36 28.79
N ARG A 1375 -14.22 7.94 29.26
CA ARG A 1375 -15.23 8.44 28.33
C ARG A 1375 -14.66 9.51 27.42
N ALA A 1376 -15.24 9.60 26.22
CA ALA A 1376 -14.72 10.42 25.12
C ALA A 1376 -14.66 11.89 25.48
N ARG A 1377 -13.58 12.55 25.05
CA ARG A 1377 -13.44 13.99 25.25
C ARG A 1377 -14.02 14.80 24.08
N ILE A 1378 -14.12 14.18 22.89
CA ILE A 1378 -14.72 14.80 21.72
C ILE A 1378 -15.70 13.81 21.12
N ALA A 1379 -16.88 14.29 20.72
CA ALA A 1379 -17.95 13.42 20.25
C ALA A 1379 -17.61 12.78 18.90
N LYS A 1380 -17.90 11.48 18.78
CA LYS A 1380 -17.68 10.74 17.54
C LYS A 1380 -18.41 11.34 16.35
N SER A 1381 -19.55 12.00 16.61
CA SER A 1381 -20.28 12.77 15.59
C SER A 1381 -19.41 13.85 14.94
N ILE A 1382 -18.63 14.58 15.74
CA ILE A 1382 -17.79 15.65 15.23
C ILE A 1382 -16.61 15.09 14.44
N LEU A 1383 -16.03 13.98 14.92
CA LEU A 1383 -14.91 13.34 14.26
C LEU A 1383 -15.28 12.68 12.93
N SER A 1384 -16.56 12.44 12.66
CA SER A 1384 -17.01 11.83 11.42
C SER A 1384 -16.66 12.63 10.15
N GLN A 1385 -16.55 13.97 10.23
CA GLN A 1385 -16.39 14.78 9.04
C GLN A 1385 -15.01 15.43 8.97
N LYS A 1386 -14.33 15.28 7.82
CA LYS A 1386 -13.00 15.85 7.61
C LYS A 1386 -12.97 17.36 7.78
N ASN A 1387 -14.07 18.03 7.47
CA ASN A 1387 -14.18 19.48 7.59
C ASN A 1387 -13.99 19.94 9.04
N LYS A 1388 -14.37 19.08 10.00
CA LYS A 1388 -14.37 19.37 11.41
C LYS A 1388 -13.16 18.73 12.10
N ALA A 1389 -12.65 19.39 13.15
CA ALA A 1389 -11.53 18.90 13.95
C ALA A 1389 -10.25 18.68 13.14
N GLY A 1390 -10.00 19.57 12.18
CA GLY A 1390 -8.66 19.72 11.63
C GLY A 1390 -8.16 18.56 10.76
N GLY A 1391 -9.08 17.84 10.10
CA GLY A 1391 -8.73 16.71 9.27
C GLY A 1391 -8.64 15.37 10.01
N ILE A 1392 -8.61 15.37 11.34
CA ILE A 1392 -8.66 14.10 12.07
C ILE A 1392 -10.04 13.51 11.89
N THR A 1393 -10.12 12.24 11.48
CA THR A 1393 -11.42 11.62 11.26
C THR A 1393 -11.38 10.14 11.61
N LEU A 1394 -12.45 9.70 12.27
CA LEU A 1394 -12.67 8.35 12.74
C LEU A 1394 -13.18 7.47 11.59
N PRO A 1395 -12.76 6.20 11.49
CA PRO A 1395 -13.27 5.32 10.44
C PRO A 1395 -14.67 4.81 10.72
N ASP A 1396 -15.54 4.83 9.70
CA ASP A 1396 -16.91 4.35 9.80
C ASP A 1396 -17.03 2.95 9.17
N PHE A 1397 -17.12 1.93 10.03
CA PHE A 1397 -17.10 0.54 9.59
C PHE A 1397 -18.39 0.08 8.90
N LYS A 1398 -19.55 0.61 9.32
CA LYS A 1398 -20.81 0.32 8.64
C LYS A 1398 -20.83 0.86 7.21
N LEU A 1399 -20.30 2.05 6.97
CA LEU A 1399 -20.26 2.58 5.62
C LEU A 1399 -19.23 1.90 4.73
N TYR A 1400 -18.11 1.41 5.28
CA TYR A 1400 -17.22 0.56 4.50
C TYR A 1400 -17.88 -0.76 4.11
N TYR A 1401 -18.67 -1.34 5.01
CA TYR A 1401 -19.44 -2.53 4.72
C TYR A 1401 -20.43 -2.31 3.58
N LYS A 1402 -21.24 -1.25 3.66
CA LYS A 1402 -22.15 -0.90 2.57
C LYS A 1402 -21.44 -0.63 1.25
N ALA A 1403 -20.31 0.08 1.28
CA ALA A 1403 -19.57 0.34 0.05
C ALA A 1403 -19.08 -0.95 -0.63
N THR A 1404 -18.71 -1.96 0.15
CA THR A 1404 -18.24 -3.21 -0.40
C THR A 1404 -19.38 -4.06 -0.99
N VAL A 1405 -20.54 -4.07 -0.32
CA VAL A 1405 -21.67 -4.86 -0.80
C VAL A 1405 -22.24 -4.29 -2.11
N THR A 1406 -22.43 -2.98 -2.20
CA THR A 1406 -22.98 -2.40 -3.42
C THR A 1406 -21.99 -2.36 -4.59
N LYS A 1407 -20.69 -2.46 -4.34
CA LYS A 1407 -19.69 -2.46 -5.41
C LYS A 1407 -19.94 -3.53 -6.49
N THR A 1408 -20.52 -4.66 -6.14
CA THR A 1408 -20.79 -5.74 -7.09
C THR A 1408 -21.62 -5.28 -8.29
N ALA A 1409 -22.56 -4.35 -8.09
CA ALA A 1409 -23.38 -3.81 -9.18
C ALA A 1409 -22.58 -3.27 -10.36
N TRP A 1410 -21.35 -2.81 -10.14
CA TRP A 1410 -20.49 -2.37 -11.25
C TRP A 1410 -20.19 -3.53 -12.21
N TYR A 1411 -20.02 -4.73 -11.67
CA TYR A 1411 -19.74 -5.90 -12.50
C TYR A 1411 -21.00 -6.37 -13.24
N TRP A 1412 -22.18 -6.21 -12.64
CA TRP A 1412 -23.43 -6.55 -13.30
C TRP A 1412 -23.70 -5.69 -14.51
N TYR A 1413 -23.43 -4.40 -14.42
CA TYR A 1413 -23.59 -3.52 -15.56
C TYR A 1413 -22.57 -3.81 -16.65
N GLN A 1414 -21.34 -4.17 -16.30
CA GLN A 1414 -20.29 -4.35 -17.31
C GLN A 1414 -20.49 -5.62 -18.15
N ASN A 1415 -21.03 -6.69 -17.56
CA ASN A 1415 -21.35 -7.92 -18.27
C ASN A 1415 -20.13 -8.52 -19.01
N ARG A 1416 -19.04 -8.69 -18.27
CA ARG A 1416 -17.77 -9.17 -18.84
C ARG A 1416 -17.78 -10.69 -18.95
N ASP A 1417 -17.19 -11.21 -20.03
CA ASP A 1417 -17.08 -12.65 -20.26
C ASP A 1417 -16.10 -13.36 -19.32
N ILE A 1418 -15.15 -12.64 -18.73
CA ILE A 1418 -14.25 -13.24 -17.74
C ILE A 1418 -14.92 -13.53 -16.39
N ASP A 1419 -16.00 -12.81 -16.03
CA ASP A 1419 -16.53 -12.86 -14.68
C ASP A 1419 -17.41 -14.08 -14.45
N GLN A 1420 -16.82 -15.27 -14.52
CA GLN A 1420 -17.57 -16.50 -14.28
C GLN A 1420 -17.97 -16.68 -12.82
N TRP A 1421 -17.28 -16.00 -11.89
CA TRP A 1421 -17.67 -16.03 -10.49
C TRP A 1421 -19.09 -15.51 -10.24
N ASN A 1422 -19.52 -14.54 -11.06
CA ASN A 1422 -20.87 -13.99 -10.93
C ASN A 1422 -21.97 -14.95 -11.45
N ARG A 1423 -21.68 -15.66 -12.54
CA ARG A 1423 -22.61 -16.61 -13.15
C ARG A 1423 -22.94 -17.87 -12.33
N THR A 1424 -22.19 -18.20 -11.29
CA THR A 1424 -22.27 -19.54 -10.68
C THR A 1424 -23.23 -19.65 -9.49
N GLU A 1425 -23.99 -18.60 -9.14
CA GLU A 1425 -25.03 -18.72 -8.12
C GLU A 1425 -26.21 -19.57 -8.58
N PRO A 1426 -26.91 -20.26 -7.66
CA PRO A 1426 -27.97 -21.19 -8.03
C PRO A 1426 -29.16 -20.48 -8.67
N SER A 1427 -29.76 -21.11 -9.69
CA SER A 1427 -30.76 -20.43 -10.50
C SER A 1427 -31.74 -21.42 -11.11
N GLU A 1428 -32.86 -21.65 -10.41
CA GLU A 1428 -34.03 -22.23 -11.04
C GLU A 1428 -34.70 -21.20 -11.95
N ILE A 1429 -34.88 -19.97 -11.44
CA ILE A 1429 -35.66 -18.95 -12.11
C ILE A 1429 -34.72 -17.93 -12.75
N MET A 1430 -34.94 -17.66 -14.04
CA MET A 1430 -34.33 -16.55 -14.76
C MET A 1430 -32.82 -16.46 -14.52
N PRO A 1431 -32.04 -17.46 -15.00
CA PRO A 1431 -30.60 -17.50 -14.74
C PRO A 1431 -29.78 -16.32 -15.25
N HIS A 1432 -30.34 -15.49 -16.14
CA HIS A 1432 -29.62 -14.35 -16.71
C HIS A 1432 -29.91 -13.02 -16.02
N ILE A 1433 -30.77 -13.01 -14.99
CA ILE A 1433 -31.41 -11.79 -14.48
C ILE A 1433 -30.42 -10.67 -14.12
N TYR A 1434 -29.25 -11.01 -13.58
CA TYR A 1434 -28.27 -9.99 -13.20
C TYR A 1434 -27.79 -9.11 -14.37
N ASN A 1435 -27.83 -9.62 -15.61
CA ASN A 1435 -27.54 -8.78 -16.76
C ASN A 1435 -28.57 -7.65 -16.94
N TYR A 1436 -29.82 -7.94 -16.56
CA TYR A 1436 -30.97 -7.05 -16.68
C TYR A 1436 -31.24 -6.08 -15.52
N LEU A 1437 -30.65 -6.24 -14.32
CA LEU A 1437 -31.11 -5.44 -13.19
C LEU A 1437 -30.75 -3.95 -13.24
N ILE A 1438 -29.50 -3.60 -13.58
CA ILE A 1438 -29.01 -2.25 -13.33
C ILE A 1438 -29.37 -1.32 -14.48
N PHE A 1439 -30.06 -0.21 -14.14
CA PHE A 1439 -30.51 0.83 -15.08
C PHE A 1439 -31.45 0.29 -16.15
N ASP A 1440 -32.34 -0.61 -15.73
CA ASP A 1440 -33.14 -1.45 -16.60
C ASP A 1440 -34.40 -1.79 -15.81
N LYS A 1441 -35.39 -2.37 -16.48
CA LYS A 1441 -36.79 -2.22 -16.14
C LYS A 1441 -37.22 -3.28 -15.13
N PRO A 1442 -38.17 -2.93 -14.23
CA PRO A 1442 -38.40 -3.77 -13.06
C PRO A 1442 -39.01 -5.11 -13.40
N GLU A 1443 -38.85 -6.06 -12.48
CA GLU A 1443 -39.37 -7.41 -12.65
C GLU A 1443 -40.58 -7.63 -11.75
N LYS A 1444 -41.58 -8.34 -12.27
CA LYS A 1444 -42.77 -8.67 -11.52
C LYS A 1444 -42.65 -10.01 -10.77
N ASN A 1445 -41.90 -10.97 -11.31
CA ASN A 1445 -41.56 -12.15 -10.54
C ASN A 1445 -40.62 -11.75 -9.41
N LYS A 1446 -40.97 -12.12 -8.17
CA LYS A 1446 -40.14 -11.84 -7.02
C LYS A 1446 -39.68 -13.10 -6.28
N GLN A 1447 -39.84 -14.28 -6.88
CA GLN A 1447 -39.01 -15.42 -6.51
C GLN A 1447 -37.88 -15.54 -7.52
N TRP A 1448 -36.79 -14.80 -7.23
CA TRP A 1448 -35.46 -15.08 -7.72
C TRP A 1448 -34.49 -14.78 -6.59
N GLY A 1449 -33.31 -15.40 -6.66
CA GLY A 1449 -32.34 -15.23 -5.59
C GLY A 1449 -32.82 -15.74 -4.24
N LYS A 1450 -33.72 -16.73 -4.25
CA LYS A 1450 -34.27 -17.28 -3.02
C LYS A 1450 -33.19 -17.86 -2.12
N ASP A 1451 -32.17 -18.49 -2.72
CA ASP A 1451 -31.06 -19.08 -1.96
C ASP A 1451 -29.75 -18.29 -2.08
N SER A 1452 -29.74 -17.18 -2.82
CA SER A 1452 -28.53 -16.41 -3.05
C SER A 1452 -27.82 -16.06 -1.74
N LEU A 1453 -26.52 -16.35 -1.67
CA LEU A 1453 -25.67 -15.86 -0.58
C LEU A 1453 -25.29 -14.38 -0.74
N PHE A 1454 -24.66 -14.03 -1.86
CA PHE A 1454 -24.18 -12.66 -2.10
C PHE A 1454 -25.15 -11.75 -2.88
N ASN A 1455 -25.65 -12.18 -4.04
CA ASN A 1455 -26.18 -11.25 -5.03
C ASN A 1455 -27.51 -10.60 -4.66
N LYS A 1456 -28.37 -11.32 -3.95
CA LYS A 1456 -29.68 -10.77 -3.59
C LYS A 1456 -29.54 -9.64 -2.57
N TRP A 1457 -28.64 -9.82 -1.59
CA TRP A 1457 -28.33 -8.78 -0.61
C TRP A 1457 -27.70 -7.54 -1.24
N CYS A 1458 -26.83 -7.71 -2.24
CA CYS A 1458 -26.32 -6.59 -3.01
C CYS A 1458 -27.45 -5.76 -3.65
N TRP A 1459 -28.44 -6.42 -4.25
CA TRP A 1459 -29.55 -5.73 -4.90
C TRP A 1459 -30.40 -4.92 -3.92
N GLU A 1460 -30.75 -5.50 -2.77
CA GLU A 1460 -31.50 -4.79 -1.76
C GLU A 1460 -30.77 -3.58 -1.18
N ASN A 1461 -29.44 -3.64 -1.07
CA ASN A 1461 -28.67 -2.47 -0.67
C ASN A 1461 -28.64 -1.41 -1.76
N TRP A 1462 -28.47 -1.82 -3.03
CA TRP A 1462 -28.46 -0.86 -4.14
C TRP A 1462 -29.76 -0.09 -4.24
N LEU A 1463 -30.88 -0.78 -4.10
CA LEU A 1463 -32.19 -0.17 -4.27
C LEU A 1463 -32.53 0.78 -3.14
N ALA A 1464 -32.24 0.40 -1.90
CA ALA A 1464 -32.35 1.29 -0.75
C ALA A 1464 -31.58 2.61 -0.89
N ILE A 1465 -30.38 2.58 -1.45
CA ILE A 1465 -29.63 3.81 -1.64
C ILE A 1465 -30.23 4.67 -2.75
N CYS A 1466 -30.76 4.07 -3.80
CA CYS A 1466 -31.39 4.84 -4.89
C CYS A 1466 -32.63 5.59 -4.40
N ARG A 1467 -33.46 4.95 -3.58
CA ARG A 1467 -34.64 5.61 -3.03
C ARG A 1467 -34.29 6.62 -1.94
N LYS A 1468 -33.21 6.42 -1.20
CA LYS A 1468 -32.71 7.48 -0.32
C LYS A 1468 -32.37 8.74 -1.11
N LEU A 1469 -31.68 8.58 -2.25
CA LEU A 1469 -31.36 9.69 -3.13
C LEU A 1469 -32.57 10.28 -3.86
N LYS A 1470 -33.74 9.61 -3.83
CA LYS A 1470 -34.89 9.94 -4.66
C LYS A 1470 -34.53 9.86 -6.15
N LEU A 1471 -33.86 8.78 -6.54
CA LEU A 1471 -33.73 8.42 -7.95
C LEU A 1471 -34.89 7.53 -8.38
N ASP A 1472 -35.27 7.68 -9.65
CA ASP A 1472 -35.89 6.60 -10.40
C ASP A 1472 -34.75 5.80 -11.05
N PRO A 1473 -34.48 4.56 -10.60
CA PRO A 1473 -33.35 3.80 -11.14
C PRO A 1473 -33.63 2.99 -12.41
N PHE A 1474 -34.87 2.99 -12.94
CA PHE A 1474 -35.29 1.98 -13.90
C PHE A 1474 -35.24 2.42 -15.36
N LEU A 1475 -35.21 3.72 -15.65
CA LEU A 1475 -34.97 4.20 -17.01
C LEU A 1475 -34.22 5.52 -16.92
N THR A 1476 -33.05 5.57 -17.55
CA THR A 1476 -31.98 6.47 -17.14
C THR A 1476 -31.26 6.91 -18.40
N PRO A 1477 -30.47 8.01 -18.35
CA PRO A 1477 -29.52 8.30 -19.41
C PRO A 1477 -28.56 7.17 -19.78
N TYR A 1478 -28.40 6.18 -18.89
CA TYR A 1478 -27.43 5.10 -19.09
C TYR A 1478 -28.08 3.77 -19.43
N THR A 1479 -29.41 3.74 -19.66
CA THR A 1479 -30.06 2.49 -20.04
C THR A 1479 -29.51 1.99 -21.38
N LYS A 1480 -29.15 0.71 -21.42
CA LYS A 1480 -28.55 0.12 -22.61
C LYS A 1480 -29.61 -0.14 -23.70
N ILE A 1481 -29.13 -0.16 -24.95
CA ILE A 1481 -29.92 -0.66 -26.08
C ILE A 1481 -30.23 -2.14 -25.90
N ASN A 1482 -29.29 -2.89 -25.32
CA ASN A 1482 -29.43 -4.32 -25.07
C ASN A 1482 -30.15 -4.58 -23.73
N SER A 1483 -31.39 -4.11 -23.63
CA SER A 1483 -32.11 -4.08 -22.37
C SER A 1483 -33.48 -4.74 -22.53
N ARG A 1484 -34.14 -5.00 -21.40
CA ARG A 1484 -35.51 -5.49 -21.41
C ARG A 1484 -36.50 -4.48 -22.01
N TRP A 1485 -36.22 -3.18 -21.89
CA TRP A 1485 -37.14 -2.20 -22.45
C TRP A 1485 -37.36 -2.44 -23.95
N ILE A 1486 -36.25 -2.56 -24.69
CA ILE A 1486 -36.31 -2.76 -26.13
C ILE A 1486 -36.71 -4.20 -26.48
N LYS A 1487 -36.34 -5.18 -25.66
CA LYS A 1487 -36.73 -6.57 -25.92
C LYS A 1487 -38.22 -6.84 -25.67
N ASP A 1488 -38.86 -6.12 -24.75
CA ASP A 1488 -40.33 -6.21 -24.67
C ASP A 1488 -41.02 -5.67 -25.92
N LEU A 1489 -40.43 -4.68 -26.57
CA LEU A 1489 -40.70 -4.45 -27.98
C LEU A 1489 -40.16 -5.66 -28.73
N ASN A 1490 -40.91 -6.21 -29.69
CA ASN A 1490 -40.51 -7.45 -30.30
C ASN A 1490 -39.73 -7.14 -31.56
N VAL A 1491 -38.41 -7.04 -31.40
CA VAL A 1491 -37.44 -6.58 -32.38
C VAL A 1491 -36.43 -7.70 -32.61
N LYS A 1492 -35.87 -7.78 -33.81
CA LYS A 1492 -35.00 -8.92 -34.04
C LYS A 1492 -33.60 -8.63 -33.54
N PRO A 1493 -32.89 -9.64 -32.97
CA PRO A 1493 -31.51 -9.49 -32.55
C PRO A 1493 -30.58 -8.84 -33.58
N LYS A 1494 -30.84 -9.07 -34.88
CA LYS A 1494 -30.08 -8.43 -35.94
C LYS A 1494 -30.19 -6.91 -35.89
N THR A 1495 -31.38 -6.40 -35.53
CA THR A 1495 -31.58 -4.96 -35.39
C THR A 1495 -30.83 -4.43 -34.16
N ILE A 1496 -31.01 -5.08 -33.01
CA ILE A 1496 -30.38 -4.65 -31.78
C ILE A 1496 -28.86 -4.60 -31.93
N LYS A 1497 -28.26 -5.68 -32.43
CA LYS A 1497 -26.82 -5.75 -32.56
C LYS A 1497 -26.27 -4.80 -33.63
N THR A 1498 -27.05 -4.55 -34.69
CA THR A 1498 -26.69 -3.53 -35.67
C THR A 1498 -26.45 -2.18 -35.00
N LEU A 1499 -27.31 -1.79 -34.05
CA LEU A 1499 -27.18 -0.49 -33.41
C LEU A 1499 -25.95 -0.44 -32.50
N GLU A 1500 -25.69 -1.51 -31.74
CA GLU A 1500 -24.50 -1.57 -30.90
C GLU A 1500 -23.22 -1.52 -31.74
N GLU A 1501 -23.21 -2.19 -32.90
CA GLU A 1501 -22.06 -2.14 -33.79
C GLU A 1501 -21.87 -0.74 -34.40
N ASN A 1502 -22.95 -0.06 -34.79
CA ASN A 1502 -22.83 1.18 -35.53
C ASN A 1502 -22.74 2.43 -34.66
N LEU A 1503 -23.61 2.59 -33.65
CA LEU A 1503 -23.87 3.91 -33.09
C LEU A 1503 -23.45 4.07 -31.63
N GLY A 1504 -23.63 3.05 -30.79
CA GLY A 1504 -23.30 3.21 -29.39
C GLY A 1504 -24.02 2.20 -28.53
N ILE A 1505 -23.77 2.29 -27.22
CA ILE A 1505 -24.24 1.32 -26.26
C ILE A 1505 -25.61 1.70 -25.69
N THR A 1506 -25.86 2.99 -25.44
CA THR A 1506 -27.00 3.41 -24.65
C THR A 1506 -28.11 3.97 -25.53
N ILE A 1507 -29.33 3.95 -24.98
CA ILE A 1507 -30.49 4.54 -25.66
C ILE A 1507 -30.24 6.01 -25.98
N GLN A 1508 -29.54 6.73 -25.10
CA GLN A 1508 -29.23 8.14 -25.36
C GLN A 1508 -28.35 8.30 -26.60
N ASP A 1509 -27.49 7.32 -26.89
CA ASP A 1509 -26.70 7.35 -28.12
C ASP A 1509 -27.56 7.26 -29.38
N ILE A 1510 -28.69 6.56 -29.32
CA ILE A 1510 -29.63 6.60 -30.43
C ILE A 1510 -30.21 8.01 -30.57
N GLY A 1511 -30.74 8.53 -29.47
CA GLY A 1511 -31.54 9.75 -29.47
C GLY A 1511 -32.97 9.43 -29.06
N VAL A 1512 -33.61 10.38 -28.36
CA VAL A 1512 -35.00 10.21 -27.94
C VAL A 1512 -35.76 11.49 -28.25
N GLY A 1513 -37.08 11.35 -28.33
CA GLY A 1513 -37.95 12.46 -28.68
C GLY A 1513 -37.61 13.08 -30.04
N LYS A 1514 -37.35 14.39 -30.02
CA LYS A 1514 -37.07 15.16 -31.22
C LYS A 1514 -35.87 14.63 -32.02
N ASP A 1515 -34.90 14.01 -31.33
CA ASP A 1515 -33.59 13.69 -31.89
C ASP A 1515 -33.43 12.24 -32.32
N PHE A 1516 -34.55 11.54 -32.59
CA PHE A 1516 -34.63 10.08 -32.42
C PHE A 1516 -33.51 9.31 -33.12
N MET A 1517 -33.40 9.37 -34.46
CA MET A 1517 -32.11 9.08 -35.10
C MET A 1517 -31.30 10.30 -35.50
N SER A 1518 -31.90 11.49 -35.54
CA SER A 1518 -31.37 12.62 -36.31
C SER A 1518 -30.13 13.29 -35.69
N LYS A 1519 -29.56 12.73 -34.62
CA LYS A 1519 -28.46 13.37 -33.92
C LYS A 1519 -27.21 13.54 -34.80
N THR A 1520 -26.91 12.55 -35.67
CA THR A 1520 -25.69 12.62 -36.48
C THR A 1520 -25.96 12.05 -37.87
N PRO A 1521 -25.22 12.53 -38.89
CA PRO A 1521 -25.37 11.99 -40.25
C PRO A 1521 -25.15 10.48 -40.35
N LYS A 1522 -24.19 9.95 -39.59
CA LYS A 1522 -23.95 8.52 -39.54
C LYS A 1522 -25.14 7.76 -38.96
N ALA A 1523 -25.88 8.38 -38.03
CA ALA A 1523 -27.11 7.80 -37.52
C ALA A 1523 -28.23 7.83 -38.55
N MET A 1524 -28.43 8.97 -39.23
CA MET A 1524 -29.48 9.02 -40.23
C MET A 1524 -29.16 8.12 -41.43
N ALA A 1525 -27.88 8.00 -41.80
CA ALA A 1525 -27.45 6.99 -42.75
C ALA A 1525 -27.82 5.57 -42.31
N THR A 1526 -27.79 5.31 -40.99
CA THR A 1526 -28.24 4.03 -40.45
C THR A 1526 -29.77 3.89 -40.48
N LYS A 1527 -30.51 5.00 -40.36
CA LYS A 1527 -31.96 4.95 -40.13
C LYS A 1527 -32.71 4.09 -41.15
N ASP A 1528 -32.29 4.10 -42.41
CA ASP A 1528 -32.88 3.21 -43.41
C ASP A 1528 -32.49 1.74 -43.27
N LYS A 1529 -31.38 1.42 -42.60
CA LYS A 1529 -30.81 0.07 -42.65
C LYS A 1529 -31.56 -0.99 -41.84
N ILE A 1530 -32.65 -0.63 -41.14
CA ILE A 1530 -33.29 -1.52 -40.17
C ILE A 1530 -34.45 -2.28 -40.81
N ASP A 1531 -34.71 -3.50 -40.30
CA ASP A 1531 -35.89 -4.28 -40.64
C ASP A 1531 -37.15 -3.42 -40.53
N LYS A 1532 -37.94 -3.42 -41.60
CA LYS A 1532 -38.98 -2.43 -41.82
C LYS A 1532 -39.97 -2.33 -40.65
N TRP A 1533 -40.35 -3.47 -40.08
CA TRP A 1533 -41.31 -3.47 -38.97
C TRP A 1533 -40.68 -3.04 -37.65
N ASP A 1534 -39.38 -3.31 -37.46
CA ASP A 1534 -38.71 -3.00 -36.20
C ASP A 1534 -38.63 -1.49 -35.97
N LEU A 1535 -38.32 -0.73 -37.03
CA LEU A 1535 -38.10 0.70 -36.89
C LEU A 1535 -39.34 1.43 -36.39
N ILE A 1536 -40.54 1.03 -36.83
CA ILE A 1536 -41.75 1.71 -36.38
C ILE A 1536 -42.03 1.38 -34.92
N LYS A 1537 -41.74 0.15 -34.49
CA LYS A 1537 -41.82 -0.19 -33.07
C LYS A 1537 -40.88 0.68 -32.24
N LEU A 1538 -39.61 0.76 -32.65
CA LEU A 1538 -38.62 1.58 -31.96
C LEU A 1538 -39.07 3.04 -31.90
N LYS A 1539 -39.48 3.58 -33.05
CA LYS A 1539 -39.88 4.98 -33.17
C LYS A 1539 -40.99 5.37 -32.20
N SER A 1540 -41.92 4.46 -31.92
CA SER A 1540 -42.96 4.73 -30.94
C SER A 1540 -42.39 4.89 -29.53
N PHE A 1541 -41.54 3.94 -29.10
CA PHE A 1541 -40.99 4.00 -27.76
C PHE A 1541 -40.07 5.21 -27.56
N CYS A 1542 -39.11 5.41 -28.46
CA CYS A 1542 -38.14 6.49 -28.32
C CYS A 1542 -38.77 7.88 -28.32
N THR A 1543 -39.92 8.06 -29.00
CA THR A 1543 -40.59 9.36 -29.07
C THR A 1543 -41.71 9.52 -28.04
N ALA A 1544 -41.97 8.53 -27.20
CA ALA A 1544 -42.96 8.68 -26.14
C ALA A 1544 -42.56 9.79 -25.16
N LYS A 1545 -43.56 10.31 -24.46
CA LYS A 1545 -43.40 11.45 -23.57
C LYS A 1545 -42.68 11.08 -22.27
N GLU A 1546 -43.04 9.95 -21.65
CA GLU A 1546 -42.32 9.45 -20.49
C GLU A 1546 -40.87 9.09 -20.82
N THR A 1547 -40.64 8.46 -21.99
CA THR A 1547 -39.29 8.11 -22.38
C THR A 1547 -38.43 9.36 -22.53
N THR A 1548 -38.96 10.39 -23.18
CA THR A 1548 -38.19 11.60 -23.44
C THR A 1548 -37.75 12.28 -22.15
N ILE A 1549 -38.64 12.36 -21.15
CA ILE A 1549 -38.33 13.04 -19.91
C ILE A 1549 -37.34 12.23 -19.07
N ARG A 1550 -37.59 10.93 -18.87
CA ARG A 1550 -36.73 10.12 -18.02
C ARG A 1550 -35.31 10.02 -18.56
N VAL A 1551 -35.14 9.85 -19.87
CA VAL A 1551 -33.82 9.71 -20.46
C VAL A 1551 -33.05 11.04 -20.54
N ASN A 1552 -33.73 12.18 -20.65
CA ASN A 1552 -33.00 13.45 -20.83
C ASN A 1552 -32.45 14.07 -19.56
N ARG A 1553 -32.81 13.57 -18.36
CA ARG A 1553 -32.35 14.20 -17.14
C ARG A 1553 -30.83 14.12 -17.00
N GLN A 1554 -30.26 15.01 -16.19
CA GLN A 1554 -28.83 14.95 -15.89
C GLN A 1554 -28.52 13.78 -14.96
N PRO A 1555 -27.38 13.08 -15.18
CA PRO A 1555 -26.94 12.05 -14.25
C PRO A 1555 -26.31 12.60 -12.97
N THR A 1556 -26.68 11.98 -11.84
CA THR A 1556 -26.04 12.26 -10.56
C THR A 1556 -24.65 11.61 -10.49
N THR A 1557 -23.89 11.99 -9.46
CA THR A 1557 -22.57 11.42 -9.19
C THR A 1557 -22.65 9.93 -8.85
N TRP A 1558 -23.69 9.51 -8.14
CA TRP A 1558 -23.89 8.10 -7.86
C TRP A 1558 -24.01 7.28 -9.14
N GLU A 1559 -24.80 7.77 -10.10
CA GLU A 1559 -25.00 7.06 -11.34
C GLU A 1559 -23.73 7.02 -12.19
N LYS A 1560 -22.93 8.10 -12.17
CA LYS A 1560 -21.66 8.12 -12.87
C LYS A 1560 -20.67 7.08 -12.37
N ILE A 1561 -20.70 6.73 -11.08
CA ILE A 1561 -19.80 5.71 -10.56
C ILE A 1561 -20.02 4.37 -11.26
N PHE A 1562 -21.26 3.91 -11.31
CA PHE A 1562 -21.55 2.58 -11.88
C PHE A 1562 -21.57 2.56 -13.41
N ALA A 1563 -22.04 3.62 -14.07
CA ALA A 1563 -22.06 3.68 -15.53
C ALA A 1563 -20.72 4.08 -16.17
N THR A 1564 -20.10 5.17 -15.71
CA THR A 1564 -19.04 5.81 -16.51
C THR A 1564 -17.71 5.05 -16.51
N TYR A 1565 -17.22 4.58 -15.35
CA TYR A 1565 -15.82 4.21 -15.26
C TYR A 1565 -15.52 2.84 -15.87
N SER A 1566 -14.39 2.77 -16.60
CA SER A 1566 -13.91 1.55 -17.24
C SER A 1566 -13.03 0.68 -16.33
N SER A 1567 -12.40 1.29 -15.31
CA SER A 1567 -11.65 0.54 -14.31
C SER A 1567 -12.55 0.26 -13.11
N ASP A 1568 -12.44 -0.94 -12.55
CA ASP A 1568 -12.85 -1.22 -11.18
C ASP A 1568 -11.93 -0.62 -10.11
N LYS A 1569 -10.70 -0.21 -10.45
CA LYS A 1569 -9.78 0.35 -9.47
C LYS A 1569 -10.39 1.48 -8.65
N GLY A 1570 -10.36 1.32 -7.32
CA GLY A 1570 -10.75 2.36 -6.39
C GLY A 1570 -12.25 2.51 -6.14
N LEU A 1571 -13.05 1.48 -6.46
CA LEU A 1571 -14.48 1.56 -6.27
C LEU A 1571 -14.90 1.77 -4.81
N ILE A 1572 -14.33 1.00 -3.88
CA ILE A 1572 -14.70 1.14 -2.47
C ILE A 1572 -14.43 2.58 -1.99
N SER A 1573 -13.29 3.13 -2.36
CA SER A 1573 -12.92 4.49 -1.97
C SER A 1573 -13.91 5.53 -2.52
N ARG A 1574 -14.36 5.40 -3.76
CA ARG A 1574 -15.37 6.31 -4.30
C ARG A 1574 -16.74 6.13 -3.64
N ILE A 1575 -17.22 4.89 -3.53
CA ILE A 1575 -18.55 4.66 -2.98
C ILE A 1575 -18.64 5.16 -1.54
N TYR A 1576 -17.60 4.92 -0.75
CA TYR A 1576 -17.55 5.39 0.63
C TYR A 1576 -17.62 6.92 0.75
N ASN A 1577 -16.96 7.65 -0.14
CA ASN A 1577 -17.06 9.11 -0.14
C ASN A 1577 -18.46 9.63 -0.50
N GLU A 1578 -19.16 8.99 -1.43
CA GLU A 1578 -20.57 9.26 -1.64
C GLU A 1578 -21.43 8.93 -0.42
N LEU A 1579 -21.27 7.74 0.17
CA LEU A 1579 -22.11 7.35 1.28
C LEU A 1579 -22.00 8.30 2.47
N LYS A 1580 -20.84 8.90 2.70
CA LYS A 1580 -20.69 9.85 3.80
C LYS A 1580 -21.42 11.16 3.55
N GLN A 1581 -21.55 11.61 2.30
CA GLN A 1581 -22.38 12.76 2.00
C GLN A 1581 -23.87 12.46 2.13
N ILE A 1582 -24.31 11.30 1.65
CA ILE A 1582 -25.71 10.93 1.70
C ILE A 1582 -26.20 10.77 3.15
N TYR A 1583 -25.40 10.16 4.02
CA TYR A 1583 -25.80 9.90 5.39
C TYR A 1583 -25.30 10.95 6.40
N LYS A 1584 -24.80 12.10 5.93
CA LYS A 1584 -24.28 13.17 6.78
C LYS A 1584 -25.28 13.60 7.87
N LYS A 1585 -24.82 13.56 9.13
CA LYS A 1585 -25.61 13.93 10.30
C LYS A 1585 -25.43 15.40 10.73
N LYS A 1586 -26.38 15.87 11.55
CA LYS A 1586 -26.24 17.11 12.32
C LYS A 1586 -25.39 16.90 13.58
N THR A 1587 -24.63 17.94 13.96
CA THR A 1587 -23.77 17.92 15.14
C THR A 1587 -23.86 19.25 15.88
N ASN A 1588 -23.66 19.20 17.21
CA ASN A 1588 -23.28 20.39 17.97
C ASN A 1588 -21.98 20.98 17.43
N ASN A 1589 -21.86 22.30 17.51
CA ASN A 1589 -20.63 22.99 17.12
C ASN A 1589 -19.99 23.66 18.34
N PRO A 1590 -18.78 23.23 18.77
CA PRO A 1590 -18.07 23.89 19.86
C PRO A 1590 -17.74 25.37 19.63
N ILE A 1591 -17.53 25.77 18.38
CA ILE A 1591 -17.21 27.15 18.05
C ILE A 1591 -18.37 28.08 18.39
N LYS A 1592 -19.61 27.59 18.29
CA LYS A 1592 -20.77 28.37 18.74
C LYS A 1592 -20.79 28.52 20.27
N LYS A 1593 -20.39 27.49 21.01
CA LYS A 1593 -20.36 27.59 22.46
C LYS A 1593 -19.28 28.58 22.94
N TRP A 1594 -18.14 28.64 22.26
CA TRP A 1594 -17.17 29.69 22.52
C TRP A 1594 -17.79 31.07 22.33
N ALA A 1595 -18.50 31.26 21.21
CA ALA A 1595 -19.15 32.53 20.92
C ALA A 1595 -20.13 32.95 22.01
N LYS A 1596 -20.78 31.98 22.66
CA LYS A 1596 -21.64 32.24 23.80
C LYS A 1596 -20.88 32.54 25.10
N ASP A 1597 -19.68 31.97 25.30
CA ASP A 1597 -18.87 32.31 26.47
C ASP A 1597 -18.33 33.73 26.43
N MET A 1598 -18.09 34.24 25.23
CA MET A 1598 -17.83 35.64 24.95
C MET A 1598 -19.18 36.22 24.52
N ASN A 1599 -19.36 37.53 24.63
CA ASN A 1599 -20.59 38.10 24.12
C ASN A 1599 -20.32 38.65 22.72
N ARG A 1600 -20.46 37.78 21.73
CA ARG A 1600 -20.18 38.10 20.34
C ARG A 1600 -20.89 37.11 19.43
N HIS A 1601 -21.16 37.55 18.19
CA HIS A 1601 -21.61 36.68 17.12
C HIS A 1601 -20.43 36.37 16.19
N PHE A 1602 -20.27 35.09 15.83
CA PHE A 1602 -19.35 34.69 14.78
C PHE A 1602 -20.13 34.41 13.51
N SER A 1603 -19.72 35.05 12.40
CA SER A 1603 -20.33 34.80 11.11
C SER A 1603 -19.93 33.41 10.60
N LYS A 1604 -20.59 32.98 9.52
CA LYS A 1604 -20.19 31.77 8.81
C LYS A 1604 -18.75 31.88 8.29
N GLU A 1605 -18.31 33.10 8.00
CA GLU A 1605 -16.95 33.36 7.53
C GLU A 1605 -15.92 33.19 8.64
N ASP A 1606 -16.25 33.61 9.87
CA ASP A 1606 -15.40 33.35 11.02
C ASP A 1606 -15.28 31.86 11.33
N ILE A 1607 -16.41 31.15 11.35
CA ILE A 1607 -16.40 29.71 11.62
C ILE A 1607 -15.55 28.97 10.57
N TYR A 1608 -15.52 29.46 9.34
CA TYR A 1608 -14.65 28.89 8.33
C TYR A 1608 -13.17 29.17 8.61
N ALA A 1609 -12.86 30.39 9.07
CA ALA A 1609 -11.49 30.74 9.41
C ALA A 1609 -10.94 29.88 10.55
N ALA A 1610 -11.74 29.67 11.60
CA ALA A 1610 -11.36 28.80 12.70
C ALA A 1610 -11.06 27.37 12.24
N LYS A 1611 -11.83 26.86 11.27
CA LYS A 1611 -11.61 25.50 10.76
C LYS A 1611 -10.36 25.42 9.89
N LYS A 1612 -10.11 26.45 9.08
CA LYS A 1612 -8.91 26.48 8.25
C LYS A 1612 -7.63 26.60 9.08
N HIS A 1613 -7.65 27.43 10.13
CA HIS A 1613 -6.54 27.52 11.08
C HIS A 1613 -6.24 26.18 11.75
N MET A 1614 -7.29 25.49 12.21
CA MET A 1614 -7.15 24.18 12.81
C MET A 1614 -6.51 23.14 11.87
N LYS A 1615 -6.69 23.25 10.55
CA LYS A 1615 -5.89 22.50 9.58
C LYS A 1615 -4.46 23.04 9.35
N LYS A 1616 -4.28 24.36 9.20
CA LYS A 1616 -3.05 24.90 8.62
C LYS A 1616 -2.05 25.49 9.63
N CYS A 1617 -2.27 25.37 10.93
CA CYS A 1617 -1.39 25.99 11.91
C CYS A 1617 0.04 25.42 11.89
N SER A 1618 0.20 24.14 11.50
CA SER A 1618 1.52 23.53 11.46
C SER A 1618 1.49 22.29 10.58
N SER A 1619 2.69 21.82 10.18
CA SER A 1619 2.82 20.53 9.52
C SER A 1619 2.86 19.38 10.53
N SER A 1620 3.32 19.63 11.76
CA SER A 1620 3.44 18.57 12.75
C SER A 1620 2.08 18.34 13.42
N LEU A 1621 1.72 17.06 13.61
CA LEU A 1621 0.55 16.72 14.38
C LEU A 1621 0.66 17.12 15.85
N ALA A 1622 1.88 17.19 16.39
CA ALA A 1622 2.06 17.60 17.78
C ALA A 1622 1.53 19.01 18.03
N ILE A 1623 1.89 19.96 17.15
CA ILE A 1623 1.43 21.34 17.29
C ILE A 1623 -0.05 21.48 16.93
N ARG A 1624 -0.49 20.77 15.89
CA ARG A 1624 -1.89 20.78 15.50
C ARG A 1624 -2.80 20.22 16.58
N GLU A 1625 -2.40 19.13 17.24
CA GLU A 1625 -3.19 18.58 18.33
C GLU A 1625 -3.45 19.60 19.44
N MET A 1626 -2.45 20.38 19.83
CA MET A 1626 -2.65 21.43 20.83
C MET A 1626 -3.75 22.42 20.39
N GLN A 1627 -3.69 22.91 19.16
CA GLN A 1627 -4.70 23.83 18.67
C GLN A 1627 -6.09 23.18 18.60
N ILE A 1628 -6.16 21.94 18.12
CA ILE A 1628 -7.43 21.23 18.05
C ILE A 1628 -8.06 21.07 19.42
N LYS A 1629 -7.27 20.67 20.42
CA LYS A 1629 -7.79 20.51 21.77
C LYS A 1629 -8.37 21.81 22.33
N THR A 1630 -7.76 22.94 21.97
CA THR A 1630 -8.17 24.23 22.51
C THR A 1630 -9.52 24.66 21.92
N THR A 1631 -9.64 24.61 20.59
CA THR A 1631 -10.89 24.94 19.91
C THR A 1631 -12.03 23.98 20.28
N MET A 1632 -11.78 22.68 20.30
CA MET A 1632 -12.85 21.73 20.56
C MET A 1632 -13.22 21.61 22.04
N ARG A 1633 -12.69 22.48 22.93
CA ARG A 1633 -13.06 22.51 24.33
C ARG A 1633 -12.77 21.19 25.04
N TYR A 1634 -11.54 20.69 24.84
CA TYR A 1634 -11.12 19.40 25.38
C TYR A 1634 -10.97 19.41 26.91
N HIS A 1635 -10.47 20.53 27.46
CA HIS A 1635 -9.94 20.59 28.81
C HIS A 1635 -11.03 20.64 29.90
N LEU A 1636 -10.82 19.90 30.98
CA LEU A 1636 -11.70 19.93 32.16
C LEU A 1636 -11.60 21.25 32.92
N THR A 1637 -12.71 21.65 33.52
CA THR A 1637 -12.84 22.90 34.25
C THR A 1637 -13.52 22.65 35.60
N PRO A 1638 -13.30 23.54 36.59
CA PRO A 1638 -14.05 23.47 37.84
C PRO A 1638 -15.58 23.50 37.70
N VAL A 1639 -16.10 24.28 36.75
CA VAL A 1639 -17.54 24.27 36.49
C VAL A 1639 -18.01 22.88 36.06
N ARG A 1640 -17.35 22.28 35.07
CA ARG A 1640 -17.69 20.93 34.65
C ARG A 1640 -17.60 19.93 35.80
N MET A 1641 -16.52 20.02 36.60
CA MET A 1641 -16.30 19.04 37.66
C MET A 1641 -17.26 19.21 38.83
N ALA A 1642 -17.70 20.44 39.12
CA ALA A 1642 -18.71 20.65 40.14
C ALA A 1642 -20.04 20.01 39.75
N ILE A 1643 -20.44 20.09 38.48
CA ILE A 1643 -21.64 19.41 38.02
C ILE A 1643 -21.47 17.90 38.12
N ILE A 1644 -20.37 17.38 37.56
CA ILE A 1644 -20.13 15.94 37.57
C ILE A 1644 -20.11 15.38 38.99
N LYS A 1645 -19.35 16.01 39.88
CA LYS A 1645 -19.27 15.56 41.26
C LYS A 1645 -20.49 15.93 42.11
N LYS A 1646 -21.48 16.64 41.54
CA LYS A 1646 -22.69 17.02 42.27
C LYS A 1646 -22.33 17.82 43.52
N SER A 1647 -21.51 18.86 43.33
CA SER A 1647 -20.98 19.70 44.39
C SER A 1647 -21.17 21.17 44.02
N GLY A 1648 -21.14 22.03 45.06
CA GLY A 1648 -21.15 23.47 44.88
C GLY A 1648 -19.77 24.10 44.70
N ASN A 1649 -18.69 23.31 44.78
CA ASN A 1649 -17.33 23.81 44.80
C ASN A 1649 -16.81 24.05 43.38
N ASN A 1650 -17.39 25.05 42.71
CA ASN A 1650 -17.09 25.33 41.31
C ASN A 1650 -15.96 26.35 41.13
N ARG A 1651 -15.15 26.60 42.16
CA ARG A 1651 -14.18 27.70 42.16
C ARG A 1651 -12.82 27.28 41.58
N CYS A 1652 -12.14 28.27 40.98
CA CYS A 1652 -10.86 28.11 40.30
C CYS A 1652 -9.83 27.34 41.11
N TRP A 1653 -9.26 26.29 40.51
CA TRP A 1653 -8.25 25.45 41.14
C TRP A 1653 -6.97 26.21 41.51
N ARG A 1654 -6.66 27.31 40.83
CA ARG A 1654 -5.48 28.10 41.16
C ARG A 1654 -5.68 28.88 42.46
N GLY A 1655 -6.92 29.26 42.78
CA GLY A 1655 -7.23 29.90 44.05
C GLY A 1655 -7.36 31.42 44.01
N CYS A 1656 -7.62 32.00 42.83
CA CYS A 1656 -7.93 33.42 42.76
C CYS A 1656 -9.32 33.75 43.29
N GLY A 1657 -10.14 32.73 43.57
CA GLY A 1657 -11.44 32.92 44.21
C GLY A 1657 -12.62 33.05 43.24
N GLU A 1658 -12.38 33.15 41.93
CA GLU A 1658 -13.46 33.29 40.96
C GLU A 1658 -14.01 31.94 40.50
N ILE A 1659 -15.13 31.99 39.76
CA ILE A 1659 -15.74 30.83 39.17
C ILE A 1659 -14.89 30.34 38.00
N GLY A 1660 -14.55 29.05 38.00
CA GLY A 1660 -13.66 28.50 36.98
C GLY A 1660 -14.35 28.10 35.68
N THR A 1661 -14.81 29.09 34.90
CA THR A 1661 -15.23 28.83 33.53
C THR A 1661 -14.01 28.58 32.66
N LEU A 1662 -14.22 28.01 31.47
CA LEU A 1662 -13.14 27.76 30.54
C LEU A 1662 -12.45 29.05 30.09
N LEU A 1663 -13.20 30.13 29.91
CA LEU A 1663 -12.61 31.40 29.54
C LEU A 1663 -11.80 32.01 30.68
N HIS A 1664 -12.18 31.76 31.93
CA HIS A 1664 -11.35 32.08 33.08
C HIS A 1664 -10.01 31.35 33.03
N CYS A 1665 -10.04 30.04 32.80
CA CYS A 1665 -8.83 29.23 32.81
C CYS A 1665 -7.81 29.65 31.75
N TRP A 1666 -8.26 29.82 30.50
CA TRP A 1666 -7.37 30.25 29.43
C TRP A 1666 -6.99 31.74 29.49
N TRP A 1667 -7.97 32.64 29.60
CA TRP A 1667 -7.72 34.07 29.46
C TRP A 1667 -7.66 34.86 30.77
N ASP A 1668 -8.67 34.73 31.65
CA ASP A 1668 -9.02 35.82 32.55
C ASP A 1668 -8.43 35.69 33.95
N CYS A 1669 -8.04 34.50 34.38
CA CYS A 1669 -7.41 34.33 35.69
C CYS A 1669 -6.21 35.27 35.82
N LYS A 1670 -6.16 36.02 36.92
CA LYS A 1670 -5.09 36.97 37.14
C LYS A 1670 -3.70 36.32 37.15
N LEU A 1671 -3.59 35.05 37.53
CA LEU A 1671 -2.31 34.35 37.44
C LEU A 1671 -1.86 34.10 35.99
N VAL A 1672 -2.79 33.89 35.06
CA VAL A 1672 -2.47 33.77 33.65
C VAL A 1672 -2.24 35.12 32.96
N GLN A 1673 -2.90 36.19 33.40
CA GLN A 1673 -2.84 37.47 32.71
C GLN A 1673 -1.43 38.04 32.50
N PRO A 1674 -0.48 37.96 33.45
CA PRO A 1674 0.85 38.51 33.17
C PRO A 1674 1.61 37.84 32.04
N LEU A 1675 1.40 36.55 31.80
CA LEU A 1675 1.97 35.91 30.62
C LEU A 1675 1.43 36.52 29.33
N TRP A 1676 0.10 36.65 29.19
CA TRP A 1676 -0.46 37.19 27.97
C TRP A 1676 -0.03 38.62 27.69
N LYS A 1677 0.12 39.45 28.72
CA LYS A 1677 0.70 40.78 28.56
C LYS A 1677 2.16 40.73 28.10
N SER A 1678 2.92 39.74 28.56
CA SER A 1678 4.25 39.49 28.01
C SER A 1678 4.22 39.23 26.49
N VAL A 1679 3.31 38.36 26.04
CA VAL A 1679 3.17 38.08 24.62
C VAL A 1679 2.79 39.33 23.81
N TRP A 1680 1.77 40.08 24.24
CA TRP A 1680 1.48 41.37 23.63
C TRP A 1680 2.65 42.38 23.68
N ARG A 1681 3.47 42.35 24.72
CA ARG A 1681 4.64 43.21 24.72
C ARG A 1681 5.68 42.80 23.68
N PHE A 1682 5.80 41.49 23.38
CA PHE A 1682 6.61 41.08 22.23
C PHE A 1682 6.00 41.51 20.90
N LEU A 1683 4.67 41.37 20.74
CA LEU A 1683 3.99 41.83 19.54
C LEU A 1683 4.22 43.32 19.26
N ARG A 1684 4.23 44.16 20.30
CA ARG A 1684 4.61 45.55 20.10
C ARG A 1684 6.06 45.72 19.67
N ASP A 1685 6.97 44.87 20.13
CA ASP A 1685 8.35 44.93 19.64
C ASP A 1685 8.50 44.44 18.21
N LEU A 1686 7.68 43.47 17.78
CA LEU A 1686 7.56 43.20 16.35
C LEU A 1686 6.92 44.36 15.57
N GLU A 1687 6.48 45.40 16.28
CA GLU A 1687 5.76 46.56 15.73
C GLU A 1687 4.48 46.15 15.00
N LEU A 1688 3.93 44.98 15.30
CA LEU A 1688 2.56 44.70 14.91
C LEU A 1688 1.62 45.50 15.78
N GLU A 1689 0.35 45.50 15.39
CA GLU A 1689 -0.70 45.87 16.33
C GLU A 1689 -1.89 44.93 16.15
N ILE A 1690 -2.39 44.44 17.28
CA ILE A 1690 -3.46 43.46 17.35
C ILE A 1690 -4.25 43.86 18.59
N PRO A 1691 -5.61 43.83 18.56
CA PRO A 1691 -6.36 44.09 19.78
C PRO A 1691 -6.17 42.97 20.79
N PHE A 1692 -6.44 43.29 22.05
CA PHE A 1692 -6.26 42.34 23.14
C PHE A 1692 -7.58 41.60 23.32
N ASP A 1693 -7.70 40.44 22.68
CA ASP A 1693 -8.96 39.82 22.35
C ASP A 1693 -8.77 38.31 22.36
N PRO A 1694 -9.45 37.56 23.25
CA PRO A 1694 -9.17 36.13 23.39
C PRO A 1694 -9.41 35.30 22.13
N ALA A 1695 -10.24 35.79 21.19
CA ALA A 1695 -10.55 35.00 20.00
C ALA A 1695 -9.32 34.80 19.11
N ILE A 1696 -8.40 35.77 19.10
CA ILE A 1696 -7.25 35.74 18.22
C ILE A 1696 -6.27 34.63 18.62
N PRO A 1697 -5.72 34.59 19.86
CA PRO A 1697 -4.81 33.51 20.20
C PRO A 1697 -5.47 32.15 20.38
N LEU A 1698 -6.71 32.11 20.91
CA LEU A 1698 -7.32 30.83 21.22
C LEU A 1698 -7.94 30.17 19.99
N LEU A 1699 -8.82 30.89 19.28
CA LEU A 1699 -9.51 30.39 18.10
C LEU A 1699 -8.75 30.63 16.80
N GLY A 1700 -7.92 31.66 16.70
CA GLY A 1700 -7.37 32.05 15.41
C GLY A 1700 -8.33 32.84 14.53
N ILE A 1701 -9.28 33.56 15.14
CA ILE A 1701 -10.23 34.41 14.44
C ILE A 1701 -9.76 35.85 14.60
N TYR A 1702 -9.30 36.47 13.50
CA TYR A 1702 -8.85 37.85 13.48
C TYR A 1702 -9.95 38.78 12.98
N PRO A 1703 -10.03 40.01 13.54
CA PRO A 1703 -10.94 41.01 13.00
C PRO A 1703 -10.48 41.54 11.65
N ASN A 1704 -11.46 41.89 10.82
CA ASN A 1704 -11.32 42.02 9.37
C ASN A 1704 -10.11 42.84 8.91
N GLU A 1705 -9.75 43.90 9.64
CA GLU A 1705 -8.63 44.75 9.26
C GLU A 1705 -7.32 43.96 9.10
N TYR A 1706 -7.08 43.00 9.98
CA TYR A 1706 -5.89 42.15 9.98
C TYR A 1706 -5.92 41.02 8.96
N LYS A 1707 -7.05 40.80 8.27
CA LYS A 1707 -7.18 39.67 7.35
C LYS A 1707 -6.02 39.58 6.36
N SER A 1708 -5.65 40.72 5.76
CA SER A 1708 -4.70 40.76 4.66
C SER A 1708 -3.23 40.75 5.11
N CYS A 1709 -2.93 40.67 6.41
CA CYS A 1709 -1.56 40.80 6.89
C CYS A 1709 -0.77 39.50 6.70
N CYS A 1710 0.54 39.66 6.50
CA CYS A 1710 1.46 38.56 6.22
C CYS A 1710 2.17 37.96 7.45
N TYR A 1711 2.00 38.56 8.65
CA TYR A 1711 2.70 38.10 9.85
C TYR A 1711 1.96 37.02 10.63
N LYS A 1712 0.88 36.46 10.10
CA LYS A 1712 0.08 35.48 10.83
C LYS A 1712 0.87 34.20 11.17
N ASP A 1713 1.82 33.82 10.32
CA ASP A 1713 2.63 32.63 10.55
C ASP A 1713 3.55 32.76 11.77
N THR A 1714 4.14 33.95 11.95
CA THR A 1714 4.89 34.26 13.16
C THR A 1714 4.00 34.25 14.40
N CYS A 1715 2.88 34.97 14.35
CA CYS A 1715 1.97 35.02 15.48
C CYS A 1715 1.43 33.64 15.88
N THR A 1716 1.24 32.74 14.92
CA THR A 1716 0.76 31.39 15.22
C THR A 1716 1.76 30.63 16.09
N ARG A 1717 3.05 30.79 15.85
CA ARG A 1717 4.06 30.14 16.67
C ARG A 1717 4.18 30.74 18.07
N MET A 1718 4.03 32.07 18.18
CA MET A 1718 3.97 32.71 19.49
C MET A 1718 2.78 32.24 20.33
N PHE A 1719 1.57 32.19 19.75
CA PHE A 1719 0.39 31.85 20.53
C PHE A 1719 0.33 30.39 20.93
N ILE A 1720 0.65 29.46 20.02
CA ILE A 1720 0.59 28.04 20.38
C ILE A 1720 1.65 27.66 21.42
N ALA A 1721 2.82 28.32 21.39
CA ALA A 1721 3.77 28.19 22.50
C ALA A 1721 3.19 28.64 23.85
N ALA A 1722 2.39 29.71 23.85
CA ALA A 1722 1.72 30.15 25.07
C ALA A 1722 0.66 29.16 25.56
N LEU A 1723 -0.10 28.55 24.63
CA LEU A 1723 -1.03 27.49 24.98
C LEU A 1723 -0.34 26.29 25.64
N PHE A 1724 0.81 25.86 25.11
CA PHE A 1724 1.58 24.80 25.74
C PHE A 1724 2.00 25.14 27.17
N THR A 1725 2.54 26.35 27.37
CA THR A 1725 2.97 26.79 28.69
C THR A 1725 1.84 26.81 29.72
N ILE A 1726 0.68 27.37 29.39
CA ILE A 1726 -0.45 27.38 30.32
C ILE A 1726 -0.97 25.98 30.61
N ALA A 1727 -1.13 25.15 29.56
CA ALA A 1727 -1.69 23.82 29.75
C ALA A 1727 -0.81 22.91 30.61
N LYS A 1728 0.51 23.02 30.51
CA LYS A 1728 1.41 22.21 31.32
C LYS A 1728 1.29 22.43 32.83
N THR A 1729 0.61 23.50 33.29
CA THR A 1729 0.50 23.81 34.71
C THR A 1729 -0.97 24.05 35.11
N TRP A 1730 -1.88 23.37 34.42
CA TRP A 1730 -3.30 23.72 34.37
C TRP A 1730 -3.94 23.98 35.73
N ASN A 1731 -3.77 23.06 36.69
CA ASN A 1731 -4.43 23.17 37.98
C ASN A 1731 -3.53 23.71 39.11
N GLN A 1732 -2.35 24.25 38.79
CA GLN A 1732 -1.39 24.54 39.83
C GLN A 1732 -1.41 26.02 40.21
N PRO A 1733 -1.35 26.35 41.54
CA PRO A 1733 -1.56 27.71 42.01
C PRO A 1733 -0.36 28.64 41.87
N LYS A 1734 0.21 28.72 40.67
CA LYS A 1734 1.33 29.61 40.40
C LYS A 1734 1.23 30.16 38.98
N CYS A 1735 1.79 31.36 38.79
CA CYS A 1735 1.88 31.98 37.48
C CYS A 1735 2.69 31.12 36.52
N PRO A 1736 2.18 30.83 35.29
CA PRO A 1736 3.08 30.47 34.20
C PRO A 1736 4.04 31.61 33.90
N THR A 1737 5.30 31.26 33.60
CA THR A 1737 6.38 32.24 33.56
C THR A 1737 6.82 32.50 32.12
N MET A 1738 7.46 33.65 31.91
CA MET A 1738 7.94 34.05 30.59
C MET A 1738 9.11 33.18 30.12
N ILE A 1739 9.96 32.70 31.03
CA ILE A 1739 11.10 31.91 30.61
C ILE A 1739 10.67 30.52 30.10
N ASP A 1740 9.68 29.90 30.73
CA ASP A 1740 9.15 28.65 30.23
C ASP A 1740 8.53 28.79 28.84
N TRP A 1741 7.90 29.94 28.59
CA TRP A 1741 7.37 30.25 27.26
C TRP A 1741 8.49 30.36 26.22
N ILE A 1742 9.56 31.06 26.57
CA ILE A 1742 10.69 31.22 25.66
C ILE A 1742 11.37 29.88 25.35
N LYS A 1743 11.47 28.99 26.33
CA LYS A 1743 12.01 27.66 26.08
C LYS A 1743 11.17 26.87 25.07
N LYS A 1744 9.85 26.88 25.22
CA LYS A 1744 9.01 26.16 24.25
C LYS A 1744 9.17 26.74 22.86
N MET A 1745 9.15 28.06 22.75
CA MET A 1745 9.20 28.71 21.45
C MET A 1745 10.53 28.43 20.75
N TRP A 1746 11.60 28.30 21.54
CA TRP A 1746 12.91 27.93 21.03
C TRP A 1746 13.01 26.46 20.62
N HIS A 1747 12.36 25.57 21.36
CA HIS A 1747 12.23 24.17 20.94
C HIS A 1747 11.59 24.02 19.56
N ILE A 1748 10.47 24.70 19.32
CA ILE A 1748 9.82 24.63 18.02
C ILE A 1748 10.74 25.18 16.93
N TYR A 1749 11.41 26.28 17.21
CA TYR A 1749 12.36 26.89 16.28
C TYR A 1749 13.45 25.90 15.83
N THR A 1750 13.94 25.08 16.77
CA THR A 1750 15.00 24.11 16.47
C THR A 1750 14.49 22.97 15.59
N MET A 1751 13.31 22.43 15.90
CA MET A 1751 12.74 21.36 15.09
C MET A 1751 12.46 21.81 13.66
N GLU A 1752 11.90 23.00 13.50
CA GLU A 1752 11.60 23.53 12.18
C GLU A 1752 12.87 23.87 11.39
N TYR A 1753 13.95 24.26 12.06
CA TYR A 1753 15.18 24.64 11.38
C TYR A 1753 15.82 23.46 10.64
N TYR A 1754 16.03 22.34 11.33
CA TYR A 1754 16.69 21.21 10.70
C TYR A 1754 15.84 20.59 9.59
N ALA A 1755 14.54 20.44 9.82
CA ALA A 1755 13.62 20.01 8.78
C ALA A 1755 13.60 20.96 7.58
N ALA A 1756 13.65 22.28 7.82
CA ALA A 1756 13.65 23.25 6.72
C ALA A 1756 14.86 23.09 5.83
N ILE A 1757 16.04 22.91 6.41
CA ILE A 1757 17.25 22.66 5.64
C ILE A 1757 17.13 21.35 4.86
N LYS A 1758 16.63 20.30 5.53
CA LYS A 1758 16.46 19.00 4.89
C LYS A 1758 15.56 19.07 3.65
N ASN A 1759 14.45 19.82 3.74
CA ASN A 1759 13.53 19.98 2.62
C ASN A 1759 13.93 21.11 1.67
N ASP A 1760 14.97 21.88 1.99
CA ASP A 1760 15.27 23.15 1.34
C ASP A 1760 14.03 24.04 1.21
N GLU A 1761 13.31 24.19 2.33
CA GLU A 1761 12.26 25.18 2.47
C GLU A 1761 12.78 26.44 3.16
N PHE A 1762 14.10 26.55 3.29
CA PHE A 1762 14.77 27.47 4.20
C PHE A 1762 14.51 28.95 3.87
N ILE A 1763 14.10 29.27 2.64
CA ILE A 1763 13.79 30.66 2.30
C ILE A 1763 12.52 31.12 3.01
N SER A 1764 11.52 30.22 3.13
CA SER A 1764 10.32 30.51 3.90
C SER A 1764 10.63 30.58 5.41
N PHE A 1765 11.45 29.64 5.89
CA PHE A 1765 11.80 29.56 7.30
C PHE A 1765 12.41 30.87 7.81
N VAL A 1766 13.39 31.40 7.09
CA VAL A 1766 14.02 32.64 7.50
C VAL A 1766 13.03 33.81 7.54
N GLY A 1767 12.04 33.82 6.64
CA GLY A 1767 11.02 34.85 6.71
C GLY A 1767 10.30 34.87 8.07
N THR A 1768 9.83 33.71 8.51
CA THR A 1768 8.99 33.61 9.69
C THR A 1768 9.78 33.92 10.98
N TRP A 1769 10.87 33.17 11.21
CA TRP A 1769 11.65 33.25 12.44
C TRP A 1769 12.64 34.43 12.54
N MET A 1770 13.17 34.96 11.43
CA MET A 1770 14.28 35.91 11.52
C MET A 1770 13.95 37.13 12.38
N LYS A 1771 12.79 37.76 12.18
CA LYS A 1771 12.40 38.86 13.04
C LYS A 1771 12.25 38.42 14.50
N LEU A 1772 11.49 37.34 14.73
CA LEU A 1772 11.20 36.93 16.10
C LEU A 1772 12.47 36.53 16.84
N GLU A 1773 13.42 35.89 16.15
CA GLU A 1773 14.65 35.42 16.78
C GLU A 1773 15.47 36.58 17.36
N THR A 1774 15.57 37.68 16.62
CA THR A 1774 16.33 38.83 17.09
C THR A 1774 15.77 39.41 18.40
N ILE A 1775 14.45 39.42 18.57
CA ILE A 1775 13.85 39.95 19.78
C ILE A 1775 14.15 39.05 20.98
N ILE A 1776 13.96 37.74 20.82
CA ILE A 1776 14.17 36.80 21.92
C ILE A 1776 15.59 36.92 22.47
N LEU A 1777 16.58 36.89 21.57
CA LEU A 1777 17.98 37.01 21.98
C LEU A 1777 18.29 38.35 22.65
N SER A 1778 17.62 39.44 22.26
CA SER A 1778 17.81 40.73 22.92
C SER A 1778 17.36 40.72 24.38
N LYS A 1779 16.27 40.02 24.70
CA LYS A 1779 15.75 40.00 26.06
C LYS A 1779 16.52 39.13 27.05
N LEU A 1780 17.16 38.04 26.64
CA LEU A 1780 17.86 37.20 27.60
C LEU A 1780 19.22 37.79 27.97
N SER A 1781 19.71 37.40 29.16
CA SER A 1781 21.10 37.61 29.56
C SER A 1781 22.00 36.50 29.03
N GLN A 1782 23.31 36.79 29.01
CA GLN A 1782 24.32 35.81 28.64
C GLN A 1782 24.31 34.60 29.57
N GLU A 1783 23.96 34.80 30.84
CA GLU A 1783 23.84 33.68 31.77
C GLU A 1783 22.70 32.75 31.35
N GLN A 1784 21.53 33.34 31.10
CA GLN A 1784 20.35 32.56 30.69
C GLN A 1784 20.60 31.83 29.37
N LYS A 1785 21.15 32.53 28.38
CA LYS A 1785 21.47 31.92 27.10
C LYS A 1785 22.38 30.71 27.24
N THR A 1786 23.34 30.76 28.16
CA THR A 1786 24.25 29.63 28.34
C THR A 1786 23.54 28.47 29.03
N LYS A 1787 22.83 28.74 30.13
CA LYS A 1787 22.13 27.69 30.85
C LYS A 1787 21.12 26.96 29.96
N HIS A 1788 20.47 27.67 29.04
CA HIS A 1788 19.42 27.07 28.21
C HIS A 1788 19.88 26.79 26.77
N ARG A 1789 21.15 27.06 26.45
CA ARG A 1789 21.74 26.78 25.14
C ARG A 1789 21.00 27.49 24.00
N ILE A 1790 20.57 28.73 24.24
CA ILE A 1790 19.86 29.52 23.27
C ILE A 1790 20.88 30.32 22.45
N PHE A 1791 21.11 29.90 21.20
CA PHE A 1791 21.96 30.65 20.28
C PHE A 1791 21.44 30.47 18.86
N SER A 1792 21.70 31.49 18.02
CA SER A 1792 21.19 31.54 16.66
C SER A 1792 21.69 30.37 15.82
N LEU A 1793 20.75 29.74 15.09
CA LEU A 1793 21.07 28.75 14.06
C LEU A 1793 20.98 29.31 12.65
N ILE A 1794 20.46 30.54 12.49
CA ILE A 1794 20.42 31.19 11.19
C ILE A 1794 21.69 31.99 10.95
N GLY A 1795 22.05 32.85 11.92
CA GLY A 1795 23.18 33.74 11.78
C GLY A 1795 24.51 33.04 11.96
MG MG H . 4.40 -23.52 -2.95
ZN ZN I . -8.44 31.68 38.51
PA D3T J . 5.14 -20.34 -1.55
O1A D3T J . 4.70 -19.76 -0.23
O2A D3T J . 4.32 -21.48 -2.10
O5' D3T J . 5.29 -19.13 -2.65
C5' D3T J . 5.01 -19.51 -4.00
C4' D3T J . 5.76 -18.61 -4.92
O4' D3T J . 5.48 -17.21 -4.65
C1' D3T J . 6.67 -16.48 -4.69
N1 D3T J . 6.88 -15.78 -3.31
C6 D3T J . 6.09 -16.10 -2.17
C2 D3T J . 7.84 -14.77 -3.21
O2 D3T J . 8.52 -14.45 -4.20
N3 D3T J . 7.99 -14.12 -1.98
C4 D3T J . 7.30 -14.46 -0.81
O4 D3T J . 7.55 -13.82 0.26
C5 D3T J . 6.26 -15.50 -0.93
C5M D3T J . 5.42 -15.88 0.29
C2' D3T J . 7.77 -17.48 -5.01
C3' D3T J . 7.22 -18.80 -4.69
O3A D3T J . 6.69 -20.84 -1.39
PB D3T J . 7.37 -22.14 -2.07
O1B D3T J . 8.65 -21.74 -2.70
O2B D3T J . 6.33 -22.77 -2.91
O3B D3T J . 7.65 -23.19 -0.86
PG D3T J . 6.62 -24.30 -0.29
O1G D3T J . 5.29 -24.08 -1.04
O2G D3T J . 6.50 -24.13 1.23
O3G D3T J . 7.25 -25.63 -0.67
#